data_2B5U
#
_entry.id   2B5U
#
_cell.length_a   66.730
_cell.length_b   192.916
_cell.length_c   85.385
_cell.angle_alpha   90.00
_cell.angle_beta   112.98
_cell.angle_gamma   90.00
#
_symmetry.space_group_name_H-M   'P 1 21 1'
#
loop_
_entity.id
_entity.type
_entity.pdbx_description
1 polymer 'Colicin E3'
2 polymer 'Colicin E3 immunity protein'
3 non-polymer 'CITRIC ACID'
4 water water
#
loop_
_entity_poly.entity_id
_entity_poly.type
_entity_poly.pdbx_seq_one_letter_code
_entity_poly.pdbx_strand_id
1 'polypeptide(L)'
;MSGGDGRGHNTGAHSTSGNINGGPTGLGVGGGASDGSGWSSENNPWGGGSGSGIHWGGGSGHGNGGGNGNSGGGSGTGGN
LSAVAAPVAFGFPALSTPGAGGLAVSISAGALSAAIADIMAALKGPFKFGLWGVALYGVLPSQIAKDDPNMMSKIVTSLP
ADDITESPVSSLPLDKATVNVNVRVVDDVKDERQNISVVSGVPMSCPVVDAKPTERPGVFTASIPGAPVLNISVNNSTPA
VQTLSPGVTNNTDKDVRPAGFTQGGNTRDAVIRFPKDSGHNAVYVSVSDVLSPDQVKQRQDEENRRQQEWDATHPVEAAE
RNYERARAELNQANEDVARNQERQAKAVQVYNSRKSELDAANKTLADAIAEIKQFNRFAHDPMAGGHRMWQMAGLKAQRA
QTDVNNKQAAFDAAAKEKSDADAALSSAMESRKKKEDKKRSAENNLNDEKNKPRKGFKDYGHDYHPAPKTENIKGLGDLK
PGIPKTPKQNGGGKRKRWTGDKGRKIYEWDSQHGELEGYRASDGQHLGSFDPKTGNQLKGPDPKRNIKKYL
;
A,C
2 'polypeptide(L)'
;GLKLDLTWFDKSTEDFKGEEYSKDFGDDGSVMESLGVPFKDNVNNGCFDVIAEWVPLLQPYFNHQIDISDNEYFVSFDYR
DGDW
;
B,D
#
loop_
_chem_comp.id
_chem_comp.type
_chem_comp.name
_chem_comp.formula
CIT non-polymer 'CITRIC ACID' 'C6 H8 O7'
#
# COMPACT_ATOMS: atom_id res chain seq x y z
N SER A 82 42.64 50.27 -5.00
CA SER A 82 43.84 50.10 -5.87
C SER A 82 43.67 48.90 -6.80
N ALA A 83 42.52 48.26 -6.72
CA ALA A 83 42.23 47.10 -7.56
C ALA A 83 41.52 47.46 -8.87
N VAL A 84 40.72 46.53 -9.37
CA VAL A 84 39.97 46.72 -10.61
C VAL A 84 38.76 45.81 -10.51
N ALA A 85 37.76 46.05 -11.34
CA ALA A 85 36.57 45.23 -11.30
C ALA A 85 35.94 45.02 -12.66
N ALA A 86 35.21 43.93 -12.78
CA ALA A 86 34.51 43.59 -14.01
C ALA A 86 33.49 44.68 -14.26
N PRO A 87 33.39 45.17 -15.51
CA PRO A 87 32.43 46.23 -15.85
C PRO A 87 31.02 45.83 -15.47
N VAL A 88 30.33 46.75 -14.84
CA VAL A 88 28.97 46.53 -14.38
C VAL A 88 28.05 47.59 -14.95
N ALA A 89 26.78 47.24 -15.14
CA ALA A 89 25.83 48.18 -15.69
C ALA A 89 25.10 48.96 -14.61
N PHE A 90 24.54 50.10 -15.00
CA PHE A 90 23.77 50.90 -14.07
C PHE A 90 22.69 49.99 -13.53
N GLY A 91 22.33 50.16 -12.26
CA GLY A 91 21.30 49.35 -11.66
C GLY A 91 21.79 48.01 -11.11
N PHE A 92 22.91 47.54 -11.64
CA PHE A 92 23.49 46.28 -11.20
C PHE A 92 24.10 46.42 -9.80
N PRO A 93 23.88 45.43 -8.91
CA PRO A 93 24.42 45.47 -7.54
C PRO A 93 25.80 44.79 -7.41
N ALA A 94 26.88 45.53 -7.64
CA ALA A 94 28.23 44.96 -7.54
C ALA A 94 28.62 44.56 -6.13
N LEU A 95 28.92 43.28 -5.97
CA LEU A 95 29.31 42.78 -4.66
C LEU A 95 30.83 42.62 -4.56
N SER A 96 31.41 43.23 -3.53
CA SER A 96 32.84 43.09 -3.34
C SER A 96 33.27 43.30 -1.90
N THR A 97 34.43 42.73 -1.57
CA THR A 97 34.98 42.83 -0.24
C THR A 97 36.20 43.75 -0.32
N PRO A 98 35.99 45.05 -0.07
CA PRO A 98 37.00 46.11 -0.11
C PRO A 98 38.38 45.73 0.42
N GLY A 99 39.40 46.26 -0.24
CA GLY A 99 40.76 46.01 0.18
C GLY A 99 41.30 47.26 0.86
N ALA A 100 42.58 47.25 1.22
CA ALA A 100 43.18 48.42 1.86
C ALA A 100 43.12 49.61 0.92
N GLY A 101 43.05 49.33 -0.39
CA GLY A 101 42.99 50.39 -1.37
C GLY A 101 41.60 50.98 -1.54
N GLY A 102 40.58 50.21 -1.17
CA GLY A 102 39.22 50.70 -1.28
C GLY A 102 38.34 49.89 -2.21
N LEU A 103 37.27 50.51 -2.68
CA LEU A 103 36.34 49.85 -3.58
C LEU A 103 36.60 50.19 -5.04
N ALA A 104 36.50 49.20 -5.91
CA ALA A 104 36.69 49.44 -7.34
C ALA A 104 35.28 49.53 -7.93
N VAL A 105 35.07 50.52 -8.79
CA VAL A 105 33.77 50.72 -9.42
C VAL A 105 33.94 50.92 -10.92
N SER A 106 33.58 49.91 -11.69
CA SER A 106 33.70 49.96 -13.15
C SER A 106 32.30 49.91 -13.76
N ILE A 107 31.84 51.04 -14.29
CA ILE A 107 30.52 51.12 -14.87
C ILE A 107 30.46 50.97 -16.38
N SER A 108 29.53 50.14 -16.83
CA SER A 108 29.31 49.89 -18.24
C SER A 108 28.20 50.85 -18.65
N ALA A 109 28.58 52.04 -19.08
CA ALA A 109 27.64 53.09 -19.49
C ALA A 109 26.63 52.62 -20.53
N GLY A 110 25.44 53.19 -20.46
CA GLY A 110 24.38 52.85 -21.38
C GLY A 110 23.05 53.10 -20.69
N ALA A 111 22.09 53.69 -21.40
CA ALA A 111 20.77 53.98 -20.83
C ALA A 111 20.37 52.88 -19.85
N LEU A 112 19.84 53.24 -18.68
CA LEU A 112 19.47 52.23 -17.69
C LEU A 112 18.44 51.27 -18.25
N SER A 113 18.57 50.00 -17.88
CA SER A 113 17.66 48.96 -18.36
C SER A 113 16.19 49.36 -18.20
N ALA A 114 15.36 48.85 -19.10
CA ALA A 114 13.93 49.15 -19.06
C ALA A 114 13.34 48.57 -17.77
N ALA A 115 13.88 47.44 -17.32
CA ALA A 115 13.38 46.81 -16.11
C ALA A 115 13.49 47.77 -14.91
N ILE A 116 14.69 48.31 -14.69
CA ILE A 116 14.91 49.23 -13.59
C ILE A 116 14.12 50.52 -13.84
N ALA A 117 14.31 51.11 -15.01
CA ALA A 117 13.62 52.34 -15.39
C ALA A 117 12.11 52.23 -15.20
N ASP A 118 11.55 51.06 -15.48
CA ASP A 118 10.12 50.87 -15.34
C ASP A 118 9.74 50.84 -13.86
N ILE A 119 10.52 50.13 -13.07
CA ILE A 119 10.27 50.06 -11.63
C ILE A 119 10.27 51.48 -11.07
N MET A 120 11.29 52.25 -11.42
CA MET A 120 11.39 53.61 -10.94
C MET A 120 10.17 54.41 -11.36
N ALA A 121 9.69 54.16 -12.58
CA ALA A 121 8.53 54.87 -13.11
C ALA A 121 7.30 54.53 -12.27
N ALA A 122 7.17 53.25 -11.94
CA ALA A 122 6.04 52.80 -11.15
C ALA A 122 6.10 53.35 -9.73
N LEU A 123 7.30 53.38 -9.16
CA LEU A 123 7.52 53.87 -7.79
C LEU A 123 7.10 55.32 -7.60
N LYS A 124 7.25 56.11 -8.66
CA LYS A 124 6.91 57.52 -8.61
C LYS A 124 5.42 57.74 -8.74
N GLY A 125 4.71 56.68 -9.13
CA GLY A 125 3.27 56.77 -9.31
C GLY A 125 2.72 57.61 -8.20
N PRO A 126 1.86 58.59 -8.52
CA PRO A 126 1.29 59.43 -7.47
C PRO A 126 0.62 58.63 -6.35
N PHE A 127 1.36 58.35 -5.27
CA PHE A 127 0.78 57.63 -4.14
C PHE A 127 0.57 58.67 -3.05
N LYS A 128 0.00 58.26 -1.92
CA LYS A 128 -0.20 59.18 -0.82
C LYS A 128 1.17 59.62 -0.30
N PHE A 129 1.27 60.84 0.23
CA PHE A 129 2.56 61.32 0.74
C PHE A 129 3.20 60.32 1.68
N GLY A 130 4.47 60.04 1.45
CA GLY A 130 5.19 59.09 2.28
C GLY A 130 6.37 58.59 1.49
N LEU A 131 7.25 57.84 2.14
CA LEU A 131 8.41 57.31 1.45
C LEU A 131 8.02 55.88 1.07
N TRP A 132 8.03 55.59 -0.22
CA TRP A 132 7.66 54.27 -0.70
C TRP A 132 8.88 53.64 -1.34
N GLY A 133 8.86 52.31 -1.43
CA GLY A 133 9.99 51.65 -2.03
C GLY A 133 9.64 50.34 -2.68
N VAL A 134 10.54 49.89 -3.54
CA VAL A 134 10.41 48.64 -4.25
C VAL A 134 11.75 47.94 -4.05
N ALA A 135 11.72 46.74 -3.50
CA ALA A 135 12.95 45.99 -3.27
C ALA A 135 13.44 45.41 -4.58
N LEU A 136 14.62 45.82 -5.04
CA LEU A 136 15.16 45.31 -6.28
C LEU A 136 15.91 43.99 -6.06
N TYR A 137 16.75 43.95 -5.03
CA TYR A 137 17.54 42.75 -4.74
C TYR A 137 17.54 42.31 -3.29
N GLY A 138 17.78 41.02 -3.08
CA GLY A 138 17.84 40.48 -1.75
C GLY A 138 19.28 40.11 -1.45
N VAL A 139 19.73 40.34 -0.23
CA VAL A 139 21.10 40.02 0.11
C VAL A 139 21.10 38.76 0.99
N LEU A 140 21.96 37.81 0.64
CA LEU A 140 22.07 36.55 1.36
C LEU A 140 23.49 36.41 1.94
N PRO A 141 23.71 36.96 3.13
CA PRO A 141 25.02 36.91 3.79
C PRO A 141 25.71 35.55 3.72
N SER A 142 25.01 34.51 4.16
CA SER A 142 25.54 33.14 4.18
C SER A 142 26.06 32.62 2.85
N GLN A 143 25.58 33.20 1.75
CA GLN A 143 26.00 32.76 0.43
C GLN A 143 27.21 33.53 -0.08
N ILE A 144 27.69 34.51 0.69
CA ILE A 144 28.83 35.29 0.24
C ILE A 144 30.10 34.46 0.15
N ALA A 145 30.72 34.47 -1.04
CA ALA A 145 31.96 33.74 -1.29
C ALA A 145 33.12 34.63 -0.84
N LYS A 146 33.41 34.60 0.45
CA LYS A 146 34.47 35.41 1.03
C LYS A 146 35.84 34.73 1.08
N ASP A 147 36.86 35.50 1.42
CA ASP A 147 38.22 35.01 1.53
C ASP A 147 38.36 34.58 2.99
N ASP A 148 37.62 35.27 3.85
CA ASP A 148 37.58 35.01 5.28
C ASP A 148 36.25 35.54 5.83
N PRO A 149 35.39 34.64 6.32
CA PRO A 149 34.07 34.97 6.87
C PRO A 149 34.09 36.26 7.69
N ASN A 150 35.24 36.55 8.29
CA ASN A 150 35.39 37.76 9.10
C ASN A 150 35.72 38.92 8.17
N MET A 151 34.79 39.26 7.29
CA MET A 151 34.99 40.35 6.36
C MET A 151 33.79 41.28 6.26
N MET A 152 34.00 42.41 5.62
CA MET A 152 32.93 43.38 5.42
C MET A 152 32.70 43.51 3.92
N SER A 153 31.69 42.83 3.41
CA SER A 153 31.39 42.92 1.98
C SER A 153 30.52 44.14 1.74
N LYS A 154 30.59 44.71 0.54
CA LYS A 154 29.80 45.88 0.19
C LYS A 154 29.08 45.65 -1.13
N ILE A 155 27.91 46.27 -1.30
CA ILE A 155 27.15 46.18 -2.53
C ILE A 155 27.05 47.62 -3.05
N VAL A 156 27.55 47.83 -4.26
CA VAL A 156 27.57 49.14 -4.89
C VAL A 156 26.71 49.23 -6.13
N THR A 157 25.62 49.98 -6.05
CA THR A 157 24.70 50.16 -7.17
C THR A 157 24.83 51.57 -7.73
N SER A 158 25.06 51.69 -9.03
CA SER A 158 25.18 53.00 -9.67
C SER A 158 24.02 53.30 -10.64
N LEU A 159 23.72 54.59 -10.82
CA LEU A 159 22.67 55.05 -11.71
C LEU A 159 23.08 56.38 -12.31
N PRO A 160 22.53 56.74 -13.47
CA PRO A 160 22.90 58.02 -14.07
C PRO A 160 22.37 59.10 -13.14
N ALA A 161 23.19 60.11 -12.83
CA ALA A 161 22.75 61.16 -11.92
C ALA A 161 21.48 61.87 -12.37
N ASP A 162 21.37 62.20 -13.65
CA ASP A 162 20.19 62.89 -14.12
C ASP A 162 18.90 62.12 -13.92
N ASP A 163 19.01 60.78 -13.91
CA ASP A 163 17.84 59.94 -13.69
C ASP A 163 17.35 60.04 -12.24
N ILE A 164 18.21 60.56 -11.37
CA ILE A 164 17.89 60.67 -9.95
C ILE A 164 17.59 62.09 -9.48
N THR A 165 18.50 63.01 -9.76
CA THR A 165 18.37 64.40 -9.34
C THR A 165 17.09 65.06 -9.83
N GLU A 166 16.53 65.95 -9.01
CA GLU A 166 15.31 66.64 -9.37
C GLU A 166 15.62 67.67 -10.46
N SER A 167 16.90 68.01 -10.57
CA SER A 167 17.33 68.98 -11.56
C SER A 167 18.68 68.55 -12.13
N PRO A 168 18.86 68.71 -13.45
CA PRO A 168 20.12 68.32 -14.11
C PRO A 168 21.34 68.76 -13.32
N VAL A 169 22.24 67.82 -13.04
CA VAL A 169 23.45 68.10 -12.28
C VAL A 169 24.32 69.17 -12.92
N SER A 170 24.32 69.22 -14.25
CA SER A 170 25.10 70.21 -14.99
C SER A 170 24.67 71.63 -14.61
N SER A 171 23.36 71.81 -14.43
CA SER A 171 22.79 73.10 -14.05
C SER A 171 22.85 73.26 -12.54
N LEU A 172 24.03 73.05 -11.97
CA LEU A 172 24.21 73.16 -10.53
C LEU A 172 25.52 73.88 -10.26
N PRO A 173 25.48 74.88 -9.36
CA PRO A 173 26.69 75.64 -9.01
C PRO A 173 27.82 74.70 -8.65
N LEU A 174 29.01 74.96 -9.18
CA LEU A 174 30.17 74.12 -8.92
C LEU A 174 30.57 74.11 -7.43
N ASP A 175 29.97 74.97 -6.63
CA ASP A 175 30.29 75.04 -5.20
C ASP A 175 29.25 74.39 -4.29
N LYS A 176 28.31 73.65 -4.88
CA LYS A 176 27.28 72.97 -4.09
C LYS A 176 27.82 71.66 -3.54
N ALA A 177 27.51 71.39 -2.28
CA ALA A 177 27.96 70.18 -1.62
C ALA A 177 26.89 69.09 -1.64
N THR A 178 25.65 69.49 -1.86
CA THR A 178 24.57 68.52 -1.91
C THR A 178 23.58 68.89 -3.00
N VAL A 179 22.64 67.98 -3.27
CA VAL A 179 21.63 68.18 -4.30
C VAL A 179 20.36 67.37 -3.97
N ASN A 180 19.20 67.92 -4.33
CA ASN A 180 17.94 67.23 -4.07
C ASN A 180 17.79 66.08 -5.05
N VAL A 181 17.13 65.00 -4.61
CA VAL A 181 16.94 63.85 -5.48
C VAL A 181 15.53 63.32 -5.34
N ASN A 182 15.03 62.71 -6.42
CA ASN A 182 13.69 62.15 -6.42
C ASN A 182 13.67 60.69 -6.05
N VAL A 183 14.83 60.05 -6.14
CA VAL A 183 14.93 58.64 -5.78
C VAL A 183 16.33 58.32 -5.25
N ARG A 184 16.40 57.38 -4.31
CA ARG A 184 17.67 56.92 -3.78
C ARG A 184 17.62 55.40 -3.73
N VAL A 185 18.80 54.78 -3.73
CA VAL A 185 18.91 53.34 -3.63
C VAL A 185 19.40 53.13 -2.19
N VAL A 186 18.58 52.51 -1.35
CA VAL A 186 18.93 52.30 0.05
C VAL A 186 18.75 50.84 0.47
N ASP A 187 19.35 50.48 1.60
CA ASP A 187 19.23 49.13 2.09
C ASP A 187 18.09 49.16 3.11
N ASP A 188 17.17 48.21 3.00
CA ASP A 188 16.01 48.18 3.87
C ASP A 188 15.78 46.74 4.34
N VAL A 189 15.27 46.59 5.56
CA VAL A 189 15.02 45.28 6.12
C VAL A 189 13.51 45.06 6.32
N LYS A 190 12.97 44.00 5.73
CA LYS A 190 11.53 43.75 5.81
C LYS A 190 11.10 42.51 6.59
N ASP A 191 11.49 41.34 6.10
CA ASP A 191 11.08 40.15 6.83
C ASP A 191 12.29 39.33 7.17
N GLU A 192 13.10 39.86 8.09
CA GLU A 192 14.29 39.17 8.53
C GLU A 192 15.29 39.05 7.38
N ARG A 193 15.25 40.00 6.46
CA ARG A 193 16.18 39.99 5.33
C ARG A 193 16.54 41.40 4.86
N GLN A 194 17.82 41.61 4.58
CA GLN A 194 18.27 42.91 4.09
C GLN A 194 18.08 42.94 2.57
N ASN A 195 17.54 44.03 2.04
CA ASN A 195 17.40 44.12 0.59
C ASN A 195 17.86 45.48 0.07
N ILE A 196 18.11 45.55 -1.23
CA ILE A 196 18.52 46.81 -1.86
C ILE A 196 17.27 47.32 -2.58
N SER A 197 16.76 48.48 -2.20
CA SER A 197 15.55 49.03 -2.82
C SER A 197 15.72 50.45 -3.34
N VAL A 198 14.77 50.89 -4.17
CA VAL A 198 14.77 52.26 -4.65
C VAL A 198 13.62 52.85 -3.89
N VAL A 199 13.77 54.08 -3.41
CA VAL A 199 12.70 54.70 -2.67
C VAL A 199 12.42 56.10 -3.18
N SER A 200 11.19 56.55 -2.97
CA SER A 200 10.80 57.86 -3.43
C SER A 200 9.50 58.22 -2.74
N GLY A 201 9.09 59.48 -2.87
CA GLY A 201 7.83 59.89 -2.27
C GLY A 201 7.92 60.99 -1.24
N VAL A 202 9.13 61.43 -0.95
CA VAL A 202 9.35 62.45 0.05
C VAL A 202 10.59 63.23 -0.38
N PRO A 203 10.75 64.49 0.06
CA PRO A 203 11.93 65.29 -0.30
C PRO A 203 13.18 64.61 0.25
N MET A 204 14.24 64.59 -0.54
CA MET A 204 15.46 63.94 -0.12
C MET A 204 16.65 64.68 -0.70
N SER A 205 17.80 64.55 -0.05
CA SER A 205 19.00 65.22 -0.52
C SER A 205 20.17 64.24 -0.52
N CYS A 206 21.12 64.46 -1.42
CA CYS A 206 22.29 63.61 -1.52
C CYS A 206 23.53 64.47 -1.54
N PRO A 207 24.64 63.94 -1.05
CA PRO A 207 25.88 64.70 -1.04
C PRO A 207 26.45 64.73 -2.45
N VAL A 208 27.07 65.83 -2.82
CA VAL A 208 27.69 65.95 -4.11
C VAL A 208 29.19 65.85 -3.87
N VAL A 209 29.80 64.76 -4.31
CA VAL A 209 31.22 64.54 -4.14
C VAL A 209 31.97 64.79 -5.45
N ASP A 210 33.02 65.59 -5.39
CA ASP A 210 33.82 65.88 -6.58
C ASP A 210 34.88 64.79 -6.72
N ALA A 211 34.90 64.10 -7.86
CA ALA A 211 35.88 63.05 -8.08
C ALA A 211 37.22 63.67 -8.48
N LYS A 212 38.32 63.04 -8.08
CA LYS A 212 39.65 63.56 -8.41
C LYS A 212 40.39 62.62 -9.37
N PRO A 213 41.31 63.17 -10.18
CA PRO A 213 42.10 62.40 -11.14
C PRO A 213 43.10 61.47 -10.47
N THR A 214 43.58 60.50 -11.23
CA THR A 214 44.55 59.52 -10.77
C THR A 214 45.58 59.38 -11.87
N GLU A 215 46.73 58.79 -11.57
CA GLU A 215 47.74 58.62 -12.60
C GLU A 215 47.18 57.80 -13.76
N ARG A 216 46.34 56.82 -13.43
CA ARG A 216 45.72 55.97 -14.43
C ARG A 216 44.55 56.72 -15.08
N PRO A 217 44.63 56.98 -16.40
CA PRO A 217 43.57 57.68 -17.13
C PRO A 217 42.25 56.91 -17.05
N GLY A 218 41.15 57.66 -17.04
CA GLY A 218 39.83 57.04 -16.95
C GLY A 218 39.51 56.60 -15.54
N VAL A 219 40.52 56.60 -14.67
CA VAL A 219 40.35 56.19 -13.29
C VAL A 219 40.34 57.37 -12.31
N PHE A 220 39.22 57.56 -11.64
CA PHE A 220 39.05 58.65 -10.68
C PHE A 220 38.79 58.14 -9.26
N THR A 221 39.04 59.01 -8.27
CA THR A 221 38.82 58.64 -6.88
C THR A 221 37.74 59.55 -6.31
N ALA A 222 36.85 58.98 -5.51
CA ALA A 222 35.79 59.77 -4.91
C ALA A 222 35.65 59.30 -3.48
N SER A 223 35.56 60.27 -2.56
CA SER A 223 35.44 59.95 -1.16
C SER A 223 34.07 60.30 -0.62
N ILE A 224 33.30 59.26 -0.34
CA ILE A 224 31.95 59.44 0.18
C ILE A 224 32.00 59.26 1.69
N PRO A 225 31.28 60.11 2.43
CA PRO A 225 31.19 60.11 3.89
C PRO A 225 31.72 58.87 4.61
N GLY A 226 30.83 57.95 4.93
CA GLY A 226 31.27 56.77 5.66
C GLY A 226 31.49 55.52 4.83
N ALA A 227 32.12 55.68 3.68
CA ALA A 227 32.37 54.54 2.83
C ALA A 227 33.80 54.46 2.34
N PRO A 228 34.25 53.27 1.95
CA PRO A 228 35.62 53.14 1.47
C PRO A 228 35.79 54.10 0.26
N VAL A 229 37.04 54.49 -0.01
CA VAL A 229 37.33 55.37 -1.13
C VAL A 229 36.93 54.65 -2.42
N LEU A 230 36.32 55.40 -3.34
CA LEU A 230 35.86 54.86 -4.62
C LEU A 230 36.86 55.06 -5.74
N ASN A 231 37.14 54.01 -6.48
CA ASN A 231 38.03 54.12 -7.63
C ASN A 231 37.10 53.91 -8.82
N ILE A 232 36.34 54.96 -9.13
CA ILE A 232 35.35 54.93 -10.21
C ILE A 232 35.95 54.98 -11.60
N SER A 233 35.30 54.26 -12.51
CA SER A 233 35.69 54.17 -13.90
C SER A 233 34.42 53.97 -14.71
N VAL A 234 34.23 54.77 -15.76
CA VAL A 234 33.03 54.64 -16.58
C VAL A 234 33.41 54.56 -18.05
N ASN A 235 32.84 53.58 -18.76
CA ASN A 235 33.13 53.41 -20.17
C ASN A 235 31.86 53.39 -21.03
N ASN A 236 31.83 54.28 -22.03
CA ASN A 236 30.70 54.44 -22.95
C ASN A 236 30.17 53.12 -23.51
N SER A 237 31.08 52.19 -23.80
CA SER A 237 30.68 50.90 -24.32
C SER A 237 31.70 49.80 -24.03
N THR A 238 31.29 48.88 -23.17
CA THR A 238 32.09 47.73 -22.75
C THR A 238 31.13 46.63 -22.31
N PRO A 239 31.63 45.40 -22.12
CA PRO A 239 30.78 44.29 -21.68
C PRO A 239 30.19 44.64 -20.33
N ALA A 240 29.26 43.82 -19.84
CA ALA A 240 28.65 44.04 -18.53
C ALA A 240 28.41 42.68 -17.91
N VAL A 241 28.64 42.56 -16.60
CA VAL A 241 28.42 41.27 -15.97
C VAL A 241 26.96 40.92 -16.25
N GLN A 242 26.72 39.67 -16.62
CA GLN A 242 25.39 39.21 -16.97
C GLN A 242 24.66 38.51 -15.85
N THR A 243 25.37 38.14 -14.79
CA THR A 243 24.73 37.47 -13.68
C THR A 243 25.13 37.96 -12.29
N LEU A 244 24.17 37.96 -11.38
CA LEU A 244 24.40 38.39 -10.01
C LEU A 244 25.39 37.47 -9.32
N SER A 245 26.22 38.03 -8.44
CA SER A 245 27.20 37.24 -7.70
C SER A 245 26.46 36.55 -6.56
N PRO A 246 27.00 35.43 -6.07
CA PRO A 246 26.37 34.70 -4.97
C PRO A 246 26.25 35.66 -3.79
N GLY A 247 25.06 35.74 -3.19
CA GLY A 247 24.90 36.65 -2.07
C GLY A 247 23.87 37.73 -2.39
N VAL A 248 23.49 37.83 -3.66
CA VAL A 248 22.49 38.82 -4.08
C VAL A 248 21.56 38.19 -5.11
N THR A 249 20.26 38.28 -4.90
CA THR A 249 19.30 37.70 -5.84
C THR A 249 18.22 38.69 -6.25
N ASN A 250 17.70 38.55 -7.47
CA ASN A 250 16.66 39.44 -7.92
C ASN A 250 15.28 38.89 -7.60
N ASN A 251 15.25 37.78 -6.87
CA ASN A 251 13.98 37.16 -6.49
C ASN A 251 13.44 37.86 -5.28
N THR A 252 12.70 38.94 -5.51
CA THR A 252 12.12 39.68 -4.40
C THR A 252 10.67 40.07 -4.67
N ASP A 253 10.00 40.49 -3.62
CA ASP A 253 8.62 40.95 -3.70
C ASP A 253 8.77 42.33 -4.36
N LYS A 254 8.38 42.43 -5.62
CA LYS A 254 8.51 43.69 -6.35
C LYS A 254 7.39 44.69 -6.08
N ASP A 255 6.49 44.39 -5.14
CA ASP A 255 5.40 45.29 -4.85
C ASP A 255 5.86 46.59 -4.16
N VAL A 256 5.19 47.69 -4.46
CA VAL A 256 5.52 48.96 -3.85
C VAL A 256 5.06 48.91 -2.41
N ARG A 257 5.97 49.22 -1.50
CA ARG A 257 5.67 49.18 -0.07
C ARG A 257 6.29 50.37 0.66
N PRO A 258 5.88 50.60 1.90
CA PRO A 258 6.44 51.73 2.65
C PRO A 258 7.90 51.44 3.03
N ALA A 259 8.80 52.39 2.79
CA ALA A 259 10.20 52.22 3.16
C ALA A 259 10.22 52.04 4.68
N GLY A 260 11.23 51.36 5.20
CA GLY A 260 11.26 51.15 6.65
C GLY A 260 11.76 52.36 7.45
N PHE A 261 11.56 52.30 8.76
CA PHE A 261 12.02 53.36 9.64
C PHE A 261 13.53 53.47 9.51
N THR A 262 14.21 52.33 9.41
CA THR A 262 15.66 52.33 9.30
C THR A 262 16.22 52.23 7.89
N GLN A 263 15.43 52.65 6.89
CA GLN A 263 15.86 52.60 5.49
C GLN A 263 17.17 53.36 5.26
N GLY A 264 18.13 52.69 4.66
CA GLY A 264 19.42 53.32 4.41
C GLY A 264 20.28 53.40 5.66
N GLY A 265 19.86 52.74 6.73
CA GLY A 265 20.61 52.75 7.96
C GLY A 265 22.05 52.31 7.75
N ASN A 266 22.32 51.49 6.74
CA ASN A 266 23.69 51.02 6.48
C ASN A 266 24.10 51.29 5.05
N THR A 267 23.67 52.44 4.56
CA THR A 267 23.98 52.81 3.20
C THR A 267 24.54 54.21 3.20
N ARG A 268 25.48 54.47 2.31
CA ARG A 268 26.03 55.81 2.16
C ARG A 268 26.02 56.05 0.65
N ASP A 269 25.30 57.07 0.20
CA ASP A 269 25.22 57.35 -1.23
C ASP A 269 25.65 58.76 -1.57
N ALA A 270 25.83 59.01 -2.87
CA ALA A 270 26.24 60.33 -3.32
C ALA A 270 26.24 60.52 -4.83
N VAL A 271 26.11 61.76 -5.26
CA VAL A 271 26.18 62.05 -6.69
C VAL A 271 27.65 62.42 -6.91
N ILE A 272 28.31 61.67 -7.79
CA ILE A 272 29.71 61.97 -8.05
C ILE A 272 29.85 62.79 -9.33
N ARG A 273 30.40 63.99 -9.21
CA ARG A 273 30.60 64.84 -10.39
C ARG A 273 32.09 64.80 -10.71
N PHE A 274 32.42 64.61 -11.99
CA PHE A 274 33.82 64.54 -12.42
C PHE A 274 34.44 65.90 -12.78
N PRO A 275 35.78 65.95 -12.85
CA PRO A 275 36.57 67.15 -13.18
C PRO A 275 36.07 67.90 -14.40
N LYS A 276 36.21 69.23 -14.35
CA LYS A 276 35.77 70.10 -15.43
C LYS A 276 35.79 69.50 -16.83
N ASP A 277 36.99 69.35 -17.38
CA ASP A 277 37.11 68.83 -18.74
C ASP A 277 37.29 67.32 -18.87
N SER A 278 36.79 66.58 -17.88
CA SER A 278 36.90 65.12 -17.90
C SER A 278 36.03 64.53 -19.00
N GLY A 279 34.81 65.04 -19.14
CA GLY A 279 33.90 64.54 -20.15
C GLY A 279 32.87 63.56 -19.62
N HIS A 280 33.00 63.16 -18.36
CA HIS A 280 32.05 62.21 -17.79
C HIS A 280 30.85 62.84 -17.16
N ASN A 281 29.67 62.32 -17.45
CA ASN A 281 28.46 62.85 -16.84
C ASN A 281 28.48 62.47 -15.36
N ALA A 282 27.68 63.13 -14.54
CA ALA A 282 27.63 62.82 -13.12
C ALA A 282 27.03 61.44 -12.89
N VAL A 283 27.52 60.73 -11.88
CA VAL A 283 27.05 59.40 -11.55
C VAL A 283 26.60 59.24 -10.10
N TYR A 284 25.40 58.73 -9.89
CA TYR A 284 24.89 58.49 -8.54
C TYR A 284 25.43 57.13 -8.12
N VAL A 285 25.86 57.01 -6.86
CA VAL A 285 26.41 55.76 -6.33
C VAL A 285 25.93 55.52 -4.90
N SER A 286 25.46 54.31 -4.63
CA SER A 286 24.97 53.96 -3.31
C SER A 286 25.76 52.77 -2.78
N VAL A 287 26.39 52.94 -1.62
CA VAL A 287 27.19 51.87 -1.03
C VAL A 287 26.48 51.34 0.22
N SER A 288 26.23 50.04 0.24
CA SER A 288 25.55 49.43 1.37
C SER A 288 26.41 48.35 1.99
N ASP A 289 26.36 48.24 3.33
CA ASP A 289 27.12 47.20 4.01
C ASP A 289 26.29 45.95 3.94
N VAL A 290 26.94 44.82 3.73
CA VAL A 290 26.25 43.55 3.71
C VAL A 290 26.14 43.16 5.20
N LEU A 291 24.93 43.20 5.73
CA LEU A 291 24.70 42.86 7.13
C LEU A 291 24.74 41.36 7.40
N SER A 292 25.18 41.00 8.59
CA SER A 292 25.23 39.60 8.97
C SER A 292 23.86 39.25 9.54
N PRO A 293 23.54 37.95 9.64
CA PRO A 293 22.27 37.49 10.18
C PRO A 293 21.93 38.19 11.49
N ASP A 294 22.95 38.41 12.31
CA ASP A 294 22.77 39.05 13.59
C ASP A 294 22.40 40.51 13.43
N GLN A 295 23.08 41.17 12.50
CA GLN A 295 22.83 42.58 12.21
C GLN A 295 21.48 42.77 11.53
N VAL A 296 21.04 41.78 10.76
CA VAL A 296 19.76 41.89 10.10
C VAL A 296 18.71 41.87 11.20
N LYS A 297 18.95 41.02 12.19
CA LYS A 297 18.02 40.91 13.31
C LYS A 297 17.91 42.22 14.08
N GLN A 298 19.05 42.84 14.37
CA GLN A 298 19.03 44.11 15.09
C GLN A 298 18.16 45.12 14.34
N ARG A 299 18.33 45.20 13.01
CA ARG A 299 17.55 46.14 12.18
C ARG A 299 16.06 45.83 12.28
N GLN A 300 15.72 44.57 12.10
CA GLN A 300 14.33 44.16 12.16
C GLN A 300 13.71 44.46 13.52
N ASP A 301 14.45 44.18 14.61
CA ASP A 301 13.91 44.46 15.93
C ASP A 301 13.65 45.96 16.03
N GLU A 302 14.60 46.75 15.53
CA GLU A 302 14.45 48.20 15.56
C GLU A 302 13.22 48.60 14.74
N GLU A 303 13.09 48.06 13.53
CA GLU A 303 11.92 48.36 12.70
C GLU A 303 10.67 48.10 13.54
N ASN A 304 10.62 46.92 14.18
CA ASN A 304 9.49 46.52 15.00
C ASN A 304 9.17 47.50 16.12
N ARG A 305 10.20 47.88 16.87
CA ARG A 305 10.01 48.81 17.98
C ARG A 305 9.44 50.14 17.51
N ARG A 306 10.00 50.68 16.42
CA ARG A 306 9.54 51.95 15.89
C ARG A 306 8.11 51.88 15.36
N GLN A 307 7.75 50.72 14.80
CA GLN A 307 6.42 50.51 14.26
C GLN A 307 5.43 50.48 15.42
N GLN A 308 5.83 49.84 16.51
CA GLN A 308 4.98 49.74 17.70
C GLN A 308 4.78 51.11 18.35
N GLU A 309 5.84 51.91 18.41
CA GLU A 309 5.74 53.24 18.99
C GLU A 309 4.80 54.06 18.13
N TRP A 310 4.84 53.83 16.82
CA TRP A 310 3.98 54.57 15.93
C TRP A 310 2.52 54.12 16.13
N ASP A 311 2.31 52.82 16.13
CA ASP A 311 0.97 52.28 16.33
C ASP A 311 0.40 52.76 17.66
N ALA A 312 1.25 52.80 18.68
CA ALA A 312 0.80 53.24 20.00
C ALA A 312 0.30 54.69 20.01
N THR A 313 0.79 55.50 19.07
CA THR A 313 0.41 56.91 19.02
C THR A 313 -0.54 57.27 17.88
N HIS A 314 -0.98 56.26 17.12
CA HIS A 314 -1.88 56.48 16.01
C HIS A 314 -2.96 55.40 16.01
N PRO A 315 -3.92 55.48 16.96
CA PRO A 315 -5.03 54.53 17.12
C PRO A 315 -5.72 54.12 15.83
N VAL A 316 -6.06 55.10 15.00
CA VAL A 316 -6.73 54.82 13.74
C VAL A 316 -5.83 54.02 12.83
N GLU A 317 -4.68 54.61 12.49
CA GLU A 317 -3.72 53.94 11.62
C GLU A 317 -3.48 52.52 12.12
N ALA A 318 -3.38 52.37 13.44
CA ALA A 318 -3.16 51.07 14.02
C ALA A 318 -4.34 50.15 13.70
N ALA A 319 -5.55 50.59 14.02
CA ALA A 319 -6.74 49.79 13.75
C ALA A 319 -6.86 49.44 12.27
N GLU A 320 -6.40 50.34 11.40
CA GLU A 320 -6.44 50.11 9.96
C GLU A 320 -5.66 48.87 9.59
N ARG A 321 -4.37 48.87 9.90
CA ARG A 321 -3.53 47.73 9.57
C ARG A 321 -3.92 46.48 10.39
N ASN A 322 -4.53 46.68 11.54
CA ASN A 322 -4.94 45.56 12.37
C ASN A 322 -6.13 44.88 11.71
N TYR A 323 -6.91 45.67 10.97
CA TYR A 323 -8.07 45.16 10.27
C TYR A 323 -7.63 44.57 8.93
N GLU A 324 -6.79 45.30 8.22
CA GLU A 324 -6.30 44.84 6.93
C GLU A 324 -5.65 43.47 7.12
N ARG A 325 -5.00 43.30 8.27
CA ARG A 325 -4.35 42.06 8.61
C ARG A 325 -5.39 40.97 8.83
N ALA A 326 -6.55 41.34 9.39
CA ALA A 326 -7.62 40.39 9.64
C ALA A 326 -8.25 40.01 8.31
N ARG A 327 -8.33 40.97 7.40
CA ARG A 327 -8.89 40.77 6.08
C ARG A 327 -8.10 39.68 5.37
N ALA A 328 -6.78 39.74 5.50
CA ALA A 328 -5.91 38.78 4.87
C ALA A 328 -5.97 37.41 5.54
N GLU A 329 -5.90 37.38 6.86
CA GLU A 329 -5.96 36.11 7.58
C GLU A 329 -7.25 35.36 7.30
N LEU A 330 -8.31 36.11 7.02
CA LEU A 330 -9.59 35.52 6.73
C LEU A 330 -9.51 34.87 5.35
N ASN A 331 -9.03 35.64 4.37
CA ASN A 331 -8.90 35.13 3.02
C ASN A 331 -8.02 33.90 2.96
N GLN A 332 -6.96 33.90 3.76
CA GLN A 332 -6.04 32.79 3.79
C GLN A 332 -6.69 31.58 4.43
N ALA A 333 -7.70 31.82 5.27
CA ALA A 333 -8.40 30.72 5.92
C ALA A 333 -9.41 30.13 4.93
N ASN A 334 -9.89 30.94 4.00
CA ASN A 334 -10.85 30.51 2.99
C ASN A 334 -10.15 29.64 1.96
N GLU A 335 -8.94 30.05 1.56
CA GLU A 335 -8.17 29.28 0.60
C GLU A 335 -7.73 28.00 1.28
N ASP A 336 -7.73 28.04 2.61
CA ASP A 336 -7.35 26.89 3.40
C ASP A 336 -8.43 25.82 3.35
N VAL A 337 -9.66 26.24 3.59
CA VAL A 337 -10.78 25.31 3.56
C VAL A 337 -10.95 24.77 2.15
N ALA A 338 -10.83 25.64 1.17
CA ALA A 338 -10.97 25.24 -0.22
C ALA A 338 -9.89 24.22 -0.59
N ARG A 339 -8.70 24.38 -0.02
CA ARG A 339 -7.63 23.45 -0.31
C ARG A 339 -7.91 22.10 0.35
N ASN A 340 -8.51 22.15 1.54
CA ASN A 340 -8.83 20.91 2.23
C ASN A 340 -10.02 20.21 1.59
N GLN A 341 -10.91 20.97 0.96
CA GLN A 341 -12.05 20.34 0.29
C GLN A 341 -11.53 19.59 -0.95
N GLU A 342 -10.45 20.08 -1.55
CA GLU A 342 -9.85 19.42 -2.70
C GLU A 342 -9.17 18.14 -2.22
N ARG A 343 -8.44 18.23 -1.09
CA ARG A 343 -7.75 17.08 -0.54
C ARG A 343 -8.73 15.98 -0.22
N GLN A 344 -9.87 16.37 0.36
CA GLN A 344 -10.90 15.41 0.71
C GLN A 344 -11.53 14.81 -0.55
N ALA A 345 -11.88 15.64 -1.51
CA ALA A 345 -12.50 15.14 -2.74
C ALA A 345 -11.60 14.12 -3.39
N LYS A 346 -10.31 14.40 -3.44
CA LYS A 346 -9.39 13.45 -4.05
C LYS A 346 -9.24 12.21 -3.18
N ALA A 347 -9.29 12.38 -1.87
CA ALA A 347 -9.15 11.24 -0.96
C ALA A 347 -10.34 10.29 -1.13
N VAL A 348 -11.52 10.85 -1.35
CA VAL A 348 -12.70 10.04 -1.56
C VAL A 348 -12.57 9.27 -2.88
N GLN A 349 -12.11 9.96 -3.91
CA GLN A 349 -11.95 9.31 -5.20
C GLN A 349 -10.99 8.12 -5.10
N VAL A 350 -9.84 8.32 -4.47
CA VAL A 350 -8.85 7.27 -4.29
C VAL A 350 -9.37 6.15 -3.40
N TYR A 351 -10.12 6.52 -2.38
CA TYR A 351 -10.69 5.55 -1.46
C TYR A 351 -11.55 4.57 -2.26
N ASN A 352 -12.62 5.08 -2.85
CA ASN A 352 -13.54 4.26 -3.65
C ASN A 352 -12.81 3.40 -4.67
N SER A 353 -11.86 4.02 -5.35
CA SER A 353 -11.09 3.29 -6.32
C SER A 353 -10.29 2.14 -5.68
N ARG A 354 -9.59 2.42 -4.59
CA ARG A 354 -8.79 1.37 -3.91
C ARG A 354 -9.68 0.29 -3.30
N LYS A 355 -10.87 0.69 -2.86
CA LYS A 355 -11.84 -0.21 -2.29
C LYS A 355 -12.32 -1.20 -3.34
N SER A 356 -12.63 -0.71 -4.53
CA SER A 356 -13.10 -1.59 -5.60
C SER A 356 -12.04 -2.61 -5.97
N GLU A 357 -10.80 -2.15 -6.06
CA GLU A 357 -9.69 -3.04 -6.38
C GLU A 357 -9.51 -4.11 -5.29
N LEU A 358 -9.74 -3.74 -4.03
CA LEU A 358 -9.58 -4.72 -2.96
C LEU A 358 -10.72 -5.72 -3.06
N ASP A 359 -11.94 -5.20 -3.24
CA ASP A 359 -13.13 -6.02 -3.35
C ASP A 359 -13.00 -7.06 -4.45
N ALA A 360 -12.45 -6.64 -5.59
CA ALA A 360 -12.27 -7.57 -6.68
C ALA A 360 -11.14 -8.53 -6.33
N ALA A 361 -10.06 -8.05 -5.72
CA ALA A 361 -8.96 -8.95 -5.38
C ALA A 361 -9.43 -10.08 -4.45
N ASN A 362 -10.29 -9.73 -3.50
CA ASN A 362 -10.85 -10.67 -2.53
C ASN A 362 -11.74 -11.73 -3.17
N LYS A 363 -12.35 -11.40 -4.29
CA LYS A 363 -13.24 -12.33 -4.99
C LYS A 363 -12.36 -13.45 -5.51
N THR A 364 -11.31 -13.05 -6.22
CA THR A 364 -10.35 -14.01 -6.77
C THR A 364 -9.79 -14.93 -5.68
N LEU A 365 -9.42 -14.34 -4.55
CA LEU A 365 -8.86 -15.10 -3.43
C LEU A 365 -9.90 -16.07 -2.87
N ALA A 366 -11.13 -15.59 -2.71
CA ALA A 366 -12.20 -16.42 -2.21
C ALA A 366 -12.47 -17.60 -3.14
N ASP A 367 -12.31 -17.40 -4.45
CA ASP A 367 -12.52 -18.48 -5.40
C ASP A 367 -11.35 -19.44 -5.43
N ALA A 368 -10.14 -18.97 -5.14
CA ALA A 368 -8.99 -19.88 -5.15
C ALA A 368 -9.05 -20.74 -3.89
N ILE A 369 -9.53 -20.16 -2.80
CA ILE A 369 -9.64 -20.90 -1.56
C ILE A 369 -10.72 -21.96 -1.71
N ALA A 370 -11.85 -21.59 -2.32
CA ALA A 370 -12.93 -22.55 -2.53
C ALA A 370 -12.46 -23.64 -3.49
N GLU A 371 -11.52 -23.31 -4.37
CA GLU A 371 -11.03 -24.30 -5.31
C GLU A 371 -10.13 -25.34 -4.64
N ILE A 372 -9.35 -24.93 -3.64
CA ILE A 372 -8.50 -25.88 -2.94
C ILE A 372 -9.44 -26.85 -2.24
N LYS A 373 -10.49 -26.29 -1.66
CA LYS A 373 -11.50 -27.06 -0.95
C LYS A 373 -12.14 -28.09 -1.88
N GLN A 374 -12.44 -27.67 -3.10
CA GLN A 374 -13.06 -28.55 -4.08
C GLN A 374 -12.19 -29.75 -4.44
N PHE A 375 -10.87 -29.62 -4.30
CA PHE A 375 -9.99 -30.72 -4.64
C PHE A 375 -9.26 -31.28 -3.43
N ASN A 376 -9.65 -30.86 -2.24
CA ASN A 376 -8.98 -31.34 -1.06
C ASN A 376 -9.06 -32.85 -0.93
N ARG A 377 -10.05 -33.47 -1.57
CA ARG A 377 -10.18 -34.92 -1.48
C ARG A 377 -8.97 -35.65 -2.05
N PHE A 378 -8.13 -34.92 -2.77
CA PHE A 378 -6.91 -35.49 -3.34
C PHE A 378 -5.69 -35.10 -2.50
N ALA A 379 -5.91 -34.33 -1.43
CA ALA A 379 -4.82 -33.83 -0.59
C ALA A 379 -3.84 -34.88 -0.03
N HIS A 380 -4.28 -36.13 0.00
CA HIS A 380 -3.45 -37.21 0.52
C HIS A 380 -3.21 -38.31 -0.47
N ASP A 381 -3.52 -38.07 -1.74
CA ASP A 381 -3.28 -39.09 -2.75
C ASP A 381 -2.33 -38.57 -3.81
N PRO A 382 -1.04 -38.50 -3.48
CA PRO A 382 0.05 -38.02 -4.35
C PRO A 382 0.07 -38.68 -5.71
N MET A 383 -0.57 -39.85 -5.79
CA MET A 383 -0.58 -40.60 -7.03
C MET A 383 -1.66 -40.17 -8.01
N ALA A 384 -2.80 -39.72 -7.49
CA ALA A 384 -3.91 -39.30 -8.35
C ALA A 384 -3.66 -38.00 -9.10
N GLY A 385 -4.22 -37.90 -10.29
CA GLY A 385 -4.06 -36.71 -11.09
C GLY A 385 -4.76 -35.54 -10.43
N GLY A 386 -5.80 -35.84 -9.65
CA GLY A 386 -6.54 -34.80 -8.96
C GLY A 386 -5.69 -34.08 -7.93
N HIS A 387 -4.57 -34.70 -7.56
CA HIS A 387 -3.66 -34.10 -6.59
C HIS A 387 -2.98 -32.88 -7.24
N ARG A 388 -2.81 -32.94 -8.55
CA ARG A 388 -2.19 -31.86 -9.29
C ARG A 388 -3.14 -30.66 -9.27
N MET A 389 -4.44 -30.93 -9.38
CA MET A 389 -5.45 -29.88 -9.36
C MET A 389 -5.43 -29.18 -8.01
N TRP A 390 -5.32 -29.99 -6.96
CA TRP A 390 -5.29 -29.49 -5.59
C TRP A 390 -4.04 -28.66 -5.37
N GLN A 391 -2.90 -29.19 -5.80
CA GLN A 391 -1.62 -28.52 -5.64
C GLN A 391 -1.65 -27.18 -6.40
N MET A 392 -2.13 -27.21 -7.64
CA MET A 392 -2.19 -26.00 -8.46
C MET A 392 -3.09 -24.97 -7.78
N ALA A 393 -4.19 -25.44 -7.20
CA ALA A 393 -5.09 -24.54 -6.52
C ALA A 393 -4.37 -23.76 -5.42
N GLY A 394 -3.44 -24.41 -4.71
CA GLY A 394 -2.70 -23.74 -3.64
C GLY A 394 -1.84 -22.60 -4.17
N LEU A 395 -1.22 -22.85 -5.31
CA LEU A 395 -0.38 -21.88 -5.98
C LEU A 395 -1.24 -20.67 -6.35
N LYS A 396 -2.40 -20.92 -6.95
CA LYS A 396 -3.28 -19.84 -7.35
C LYS A 396 -3.75 -19.05 -6.13
N ALA A 397 -3.99 -19.76 -5.04
CA ALA A 397 -4.44 -19.08 -3.84
C ALA A 397 -3.36 -18.18 -3.26
N GLN A 398 -2.10 -18.62 -3.27
CA GLN A 398 -1.02 -17.79 -2.71
C GLN A 398 -0.86 -16.54 -3.58
N ARG A 399 -0.84 -16.72 -4.89
CA ARG A 399 -0.71 -15.57 -5.78
C ARG A 399 -1.85 -14.59 -5.52
N ALA A 400 -3.03 -15.12 -5.28
CA ALA A 400 -4.17 -14.26 -5.01
C ALA A 400 -4.05 -13.64 -3.63
N GLN A 401 -3.47 -14.36 -2.66
CA GLN A 401 -3.37 -13.77 -1.33
C GLN A 401 -2.37 -12.62 -1.33
N THR A 402 -1.21 -12.86 -1.94
CA THR A 402 -0.16 -11.89 -2.02
C THR A 402 -0.70 -10.60 -2.67
N ASP A 403 -1.54 -10.74 -3.70
CA ASP A 403 -2.14 -9.58 -4.36
C ASP A 403 -3.11 -8.90 -3.41
N VAL A 404 -3.92 -9.68 -2.72
CA VAL A 404 -4.86 -9.10 -1.77
C VAL A 404 -4.13 -8.30 -0.68
N ASN A 405 -2.96 -8.80 -0.27
CA ASN A 405 -2.18 -8.14 0.78
C ASN A 405 -1.73 -6.76 0.28
N ASN A 406 -1.24 -6.68 -0.95
CA ASN A 406 -0.83 -5.40 -1.52
C ASN A 406 -2.05 -4.47 -1.64
N LYS A 407 -3.19 -5.03 -2.05
CA LYS A 407 -4.42 -4.26 -2.21
C LYS A 407 -4.92 -3.75 -0.88
N GLN A 408 -4.81 -4.59 0.15
CA GLN A 408 -5.26 -4.18 1.48
C GLN A 408 -4.41 -3.01 2.00
N ALA A 409 -3.09 -3.09 1.82
CA ALA A 409 -2.22 -2.02 2.28
C ALA A 409 -2.60 -0.70 1.58
N ALA A 410 -2.77 -0.73 0.26
CA ALA A 410 -3.13 0.47 -0.51
C ALA A 410 -4.47 1.03 -0.03
N PHE A 411 -5.42 0.14 0.22
CA PHE A 411 -6.72 0.59 0.68
C PHE A 411 -6.65 1.18 2.08
N ASP A 412 -5.80 0.61 2.94
CA ASP A 412 -5.68 1.10 4.31
C ASP A 412 -5.05 2.51 4.27
N ALA A 413 -4.08 2.69 3.40
CA ALA A 413 -3.46 3.99 3.28
C ALA A 413 -4.52 4.99 2.83
N ALA A 414 -5.37 4.58 1.89
CA ALA A 414 -6.43 5.48 1.41
C ALA A 414 -7.40 5.79 2.52
N ALA A 415 -7.69 4.79 3.34
CA ALA A 415 -8.61 5.01 4.43
C ALA A 415 -8.03 6.02 5.44
N LYS A 416 -6.74 5.88 5.77
CA LYS A 416 -6.12 6.82 6.70
C LYS A 416 -6.07 8.23 6.10
N GLU A 417 -5.88 8.32 4.78
CA GLU A 417 -5.83 9.63 4.11
C GLU A 417 -7.19 10.29 4.17
N LYS A 418 -8.23 9.56 3.79
CA LYS A 418 -9.59 10.12 3.83
C LYS A 418 -9.96 10.56 5.25
N SER A 419 -9.51 9.82 6.25
CA SER A 419 -9.82 10.20 7.62
C SER A 419 -9.09 11.48 8.02
N ASP A 420 -7.80 11.56 7.71
CA ASP A 420 -7.04 12.77 8.03
C ASP A 420 -7.60 13.96 7.22
N ALA A 421 -7.98 13.73 5.96
CA ALA A 421 -8.51 14.81 5.15
C ALA A 421 -9.82 15.31 5.74
N ASP A 422 -10.66 14.40 6.23
CA ASP A 422 -11.92 14.82 6.83
C ASP A 422 -11.67 15.66 8.07
N ALA A 423 -10.72 15.28 8.90
CA ALA A 423 -10.46 16.06 10.11
C ALA A 423 -9.84 17.41 9.76
N ALA A 424 -8.92 17.41 8.80
CA ALA A 424 -8.27 18.65 8.38
C ALA A 424 -9.30 19.64 7.81
N LEU A 425 -10.21 19.15 6.96
CA LEU A 425 -11.21 20.03 6.39
C LEU A 425 -12.08 20.63 7.47
N SER A 426 -12.43 19.80 8.45
CA SER A 426 -13.25 20.26 9.55
C SER A 426 -12.50 21.28 10.36
N SER A 427 -11.21 21.04 10.54
CA SER A 427 -10.36 21.93 11.30
C SER A 427 -10.22 23.26 10.56
N ALA A 428 -10.09 23.20 9.24
CA ALA A 428 -9.99 24.43 8.47
C ALA A 428 -11.30 25.18 8.66
N MET A 429 -12.42 24.48 8.61
CA MET A 429 -13.73 25.11 8.79
C MET A 429 -13.75 25.89 10.09
N GLU A 430 -13.17 25.30 11.13
CA GLU A 430 -13.11 25.94 12.43
C GLU A 430 -12.35 27.25 12.37
N SER A 431 -11.07 27.16 12.04
CA SER A 431 -10.23 28.35 11.96
C SER A 431 -10.86 29.43 11.09
N ARG A 432 -11.48 29.03 10.00
CA ARG A 432 -12.11 29.99 9.09
C ARG A 432 -13.20 30.75 9.82
N LYS A 433 -13.94 30.06 10.70
CA LYS A 433 -15.00 30.71 11.46
C LYS A 433 -14.37 31.68 12.47
N LYS A 434 -13.32 31.22 13.14
CA LYS A 434 -12.60 32.01 14.13
C LYS A 434 -12.08 33.28 13.46
N LYS A 435 -11.57 33.13 12.25
CA LYS A 435 -11.05 34.26 11.50
C LYS A 435 -12.18 35.25 11.18
N GLU A 436 -13.36 34.71 10.88
CA GLU A 436 -14.51 35.56 10.57
C GLU A 436 -14.90 36.46 11.73
N ASP A 437 -14.88 35.93 12.94
CA ASP A 437 -15.22 36.72 14.11
C ASP A 437 -14.13 37.78 14.27
N LYS A 438 -12.89 37.35 14.17
CA LYS A 438 -11.73 38.22 14.31
C LYS A 438 -11.84 39.45 13.41
N LYS A 439 -12.17 39.24 12.13
CA LYS A 439 -12.30 40.34 11.20
C LYS A 439 -13.46 41.26 11.58
N ARG A 440 -14.44 40.72 12.29
CA ARG A 440 -15.59 41.53 12.71
C ARG A 440 -15.17 42.47 13.84
N SER A 441 -14.38 41.96 14.78
CA SER A 441 -13.92 42.79 15.89
C SER A 441 -13.03 43.89 15.37
N ALA A 442 -12.32 43.61 14.28
CA ALA A 442 -11.41 44.57 13.68
C ALA A 442 -12.13 45.60 12.84
N GLU A 443 -13.05 45.15 12.01
CA GLU A 443 -13.80 46.05 11.16
C GLU A 443 -14.66 46.99 12.00
N ASN A 444 -15.03 46.53 13.18
CA ASN A 444 -15.85 47.34 14.09
C ASN A 444 -14.97 48.36 14.81
N ASN A 445 -13.90 47.87 15.42
CA ASN A 445 -12.97 48.74 16.13
C ASN A 445 -12.44 49.83 15.23
N LEU A 446 -12.26 49.51 13.96
CA LEU A 446 -11.74 50.47 13.00
C LEU A 446 -12.68 51.66 12.88
N ASN A 447 -13.99 51.38 12.97
CA ASN A 447 -14.99 52.43 12.89
C ASN A 447 -15.12 53.19 14.21
N ASP A 448 -15.02 52.47 15.31
CA ASP A 448 -15.12 53.08 16.63
C ASP A 448 -14.03 54.13 16.80
N GLU A 449 -12.81 53.76 16.41
CA GLU A 449 -11.67 54.67 16.52
C GLU A 449 -11.72 55.72 15.40
N LYS A 450 -12.51 55.44 14.38
CA LYS A 450 -12.64 56.33 13.24
C LYS A 450 -13.72 57.39 13.52
N ASN A 451 -14.56 57.13 14.51
CA ASN A 451 -15.63 58.06 14.89
C ASN A 451 -15.21 58.99 16.03
N LYS A 452 -14.03 58.75 16.59
CA LYS A 452 -13.53 59.58 17.69
C LYS A 452 -12.94 60.90 17.16
N PRO A 453 -12.83 61.91 18.04
CA PRO A 453 -12.28 63.22 17.67
C PRO A 453 -10.76 63.13 17.65
N ARG A 454 -10.14 63.59 16.57
CA ARG A 454 -8.69 63.58 16.47
C ARG A 454 -8.16 65.00 16.48
N LYS A 455 -7.12 65.24 17.29
CA LYS A 455 -6.53 66.56 17.36
C LYS A 455 -5.53 66.76 16.24
N GLY A 456 -5.55 67.96 15.66
CA GLY A 456 -4.66 68.27 14.56
C GLY A 456 -3.25 68.62 15.00
N PHE A 457 -2.38 68.87 14.03
CA PHE A 457 -1.01 69.21 14.34
C PHE A 457 -0.88 70.45 15.21
N LYS A 458 -1.60 71.52 14.85
CA LYS A 458 -1.55 72.76 15.61
C LYS A 458 -1.91 72.58 17.07
N ASP A 459 -2.79 71.62 17.35
CA ASP A 459 -3.18 71.38 18.74
C ASP A 459 -1.97 70.90 19.52
N TYR A 460 -1.24 69.96 18.93
CA TYR A 460 -0.05 69.40 19.53
C TYR A 460 0.98 70.48 19.77
N GLY A 461 1.03 71.44 18.85
CA GLY A 461 1.98 72.53 18.97
C GLY A 461 1.68 73.44 20.13
N HIS A 462 0.59 73.20 20.83
CA HIS A 462 0.23 74.03 21.97
C HIS A 462 0.24 73.24 23.27
N ASP A 463 0.54 71.95 23.18
CA ASP A 463 0.57 71.13 24.39
C ASP A 463 1.70 71.55 25.33
N TYR A 464 2.82 72.01 24.79
CA TYR A 464 3.98 72.41 25.59
C TYR A 464 4.49 73.81 25.25
N HIS A 465 5.18 74.44 26.20
CA HIS A 465 5.71 75.79 25.98
C HIS A 465 6.93 75.78 25.07
N PRO A 466 6.93 76.67 24.07
CA PRO A 466 8.05 76.76 23.11
C PRO A 466 9.31 77.16 23.88
N ALA A 467 10.46 76.68 23.42
CA ALA A 467 11.73 77.00 24.04
C ALA A 467 12.23 78.34 23.51
N PRO A 468 12.85 79.16 24.38
CA PRO A 468 13.37 80.46 23.98
C PRO A 468 14.57 80.29 23.06
N LYS A 469 14.89 81.34 22.31
CA LYS A 469 16.05 81.31 21.43
C LYS A 469 17.26 81.61 22.32
N THR A 470 18.36 80.88 22.10
CA THR A 470 19.56 81.06 22.89
C THR A 470 19.86 82.53 23.16
N GLU A 471 19.88 83.33 22.11
CA GLU A 471 20.16 84.75 22.25
C GLU A 471 19.06 85.60 22.88
N ASN A 472 18.00 84.97 23.36
CA ASN A 472 16.92 85.73 23.99
C ASN A 472 16.81 85.45 25.49
N ILE A 473 17.59 84.48 25.96
CA ILE A 473 17.62 84.15 27.38
C ILE A 473 18.41 85.24 28.07
N LYS A 474 17.73 86.03 28.90
CA LYS A 474 18.36 87.14 29.60
C LYS A 474 18.57 86.91 31.09
N GLY A 475 19.55 87.63 31.65
CA GLY A 475 19.86 87.57 33.06
C GLY A 475 20.78 86.47 33.55
N LEU A 476 21.34 85.69 32.64
CA LEU A 476 22.21 84.59 33.04
C LEU A 476 23.57 84.66 32.37
N GLY A 477 23.87 85.81 31.78
CA GLY A 477 25.14 85.97 31.10
C GLY A 477 25.14 85.23 29.77
N ASP A 478 26.34 85.06 29.21
CA ASP A 478 26.49 84.37 27.93
C ASP A 478 26.17 82.88 28.03
N LEU A 479 25.23 82.41 27.21
CA LEU A 479 24.86 81.00 27.20
C LEU A 479 25.27 80.33 25.88
N LYS A 480 25.67 79.07 25.96
CA LYS A 480 26.07 78.31 24.79
C LYS A 480 25.33 76.99 24.89
N PRO A 481 24.71 76.53 23.79
CA PRO A 481 23.98 75.27 23.81
C PRO A 481 24.85 74.09 24.20
N GLY A 482 24.25 73.07 24.78
CA GLY A 482 24.99 71.90 25.18
C GLY A 482 24.27 70.62 24.74
N ILE A 483 25.03 69.55 24.54
CA ILE A 483 24.45 68.29 24.11
C ILE A 483 23.29 67.83 24.99
N PRO A 484 22.10 67.65 24.39
CA PRO A 484 20.92 67.20 25.15
C PRO A 484 21.19 65.80 25.70
N LYS A 485 20.80 65.54 26.94
CA LYS A 485 21.03 64.21 27.52
C LYS A 485 19.95 63.79 28.50
N THR A 486 19.39 64.74 29.25
CA THR A 486 18.35 64.35 30.17
C THR A 486 17.12 63.87 29.42
N PRO A 487 16.68 62.62 29.66
CA PRO A 487 15.50 62.06 28.99
C PRO A 487 14.26 62.85 29.33
N LYS A 488 13.36 62.97 28.35
CA LYS A 488 12.14 63.71 28.58
C LYS A 488 11.18 62.78 29.31
N GLN A 489 10.22 63.35 30.04
CA GLN A 489 9.25 62.55 30.77
C GLN A 489 8.34 61.83 29.78
N ASN A 490 7.86 62.60 28.80
CA ASN A 490 6.97 62.06 27.77
C ASN A 490 7.55 62.26 26.38
N GLY A 491 7.29 61.32 25.49
CA GLY A 491 7.83 61.42 24.14
C GLY A 491 9.22 60.82 24.11
N GLY A 492 9.94 61.05 23.03
CA GLY A 492 11.27 60.49 22.92
C GLY A 492 12.41 61.47 22.86
N GLY A 493 12.21 62.70 23.29
CA GLY A 493 13.32 63.63 23.21
C GLY A 493 14.19 63.73 24.46
N LYS A 494 15.15 64.63 24.39
CA LYS A 494 16.03 64.89 25.51
C LYS A 494 15.89 66.38 25.75
N ARG A 495 15.88 66.79 27.02
CA ARG A 495 15.71 68.20 27.38
C ARG A 495 16.74 69.10 26.73
N LYS A 496 16.28 70.28 26.32
CA LYS A 496 17.14 71.29 25.70
C LYS A 496 18.10 71.84 26.76
N ARG A 497 19.39 71.72 26.48
CA ARG A 497 20.42 72.13 27.43
C ARG A 497 21.33 73.29 27.05
N TRP A 498 21.60 74.15 28.02
CA TRP A 498 22.47 75.29 27.81
C TRP A 498 23.59 75.34 28.83
N THR A 499 24.61 76.13 28.52
CA THR A 499 25.76 76.28 29.38
C THR A 499 26.00 77.74 29.69
N GLY A 500 26.29 78.01 30.96
CA GLY A 500 26.57 79.37 31.39
C GLY A 500 27.70 79.39 32.42
N ASP A 501 28.10 80.60 32.83
CA ASP A 501 29.15 80.77 33.81
C ASP A 501 30.38 79.92 33.48
N LYS A 502 30.95 80.18 32.31
CA LYS A 502 32.12 79.46 31.84
C LYS A 502 32.00 77.94 31.95
N GLY A 503 30.84 77.41 31.59
CA GLY A 503 30.62 75.98 31.62
C GLY A 503 30.48 75.33 32.98
N ARG A 504 30.15 76.13 33.99
CA ARG A 504 29.99 75.64 35.35
C ARG A 504 28.52 75.43 35.72
N LYS A 505 27.64 76.18 35.06
CA LYS A 505 26.21 76.07 35.29
C LYS A 505 25.47 75.54 34.04
N ILE A 506 24.53 74.63 34.27
CA ILE A 506 23.74 74.02 33.20
C ILE A 506 22.28 74.44 33.35
N TYR A 507 21.67 74.83 32.23
CA TYR A 507 20.26 75.24 32.27
C TYR A 507 19.48 74.40 31.27
N GLU A 508 18.43 73.75 31.74
CA GLU A 508 17.61 72.93 30.85
C GLU A 508 16.20 73.48 30.78
N TRP A 509 15.60 73.41 29.59
CA TRP A 509 14.25 73.95 29.41
C TRP A 509 13.16 73.01 29.91
N ASP A 510 12.29 73.53 30.78
CA ASP A 510 11.18 72.75 31.29
C ASP A 510 9.97 73.22 30.47
N SER A 511 9.66 72.50 29.40
CA SER A 511 8.58 72.88 28.50
C SER A 511 7.18 72.77 29.07
N GLN A 512 7.03 72.04 30.17
CA GLN A 512 5.72 71.90 30.76
C GLN A 512 5.34 73.10 31.62
N HIS A 513 6.33 73.79 32.18
CA HIS A 513 6.06 74.95 33.02
C HIS A 513 6.54 76.25 32.42
N GLY A 514 7.28 76.13 31.32
CA GLY A 514 7.80 77.31 30.65
C GLY A 514 8.84 78.07 31.47
N GLU A 515 9.88 77.37 31.89
CA GLU A 515 10.94 78.00 32.67
C GLU A 515 12.23 77.18 32.57
N LEU A 516 13.35 77.80 32.89
CA LEU A 516 14.63 77.11 32.84
C LEU A 516 14.94 76.52 34.21
N GLU A 517 15.62 75.38 34.23
CA GLU A 517 16.02 74.74 35.48
C GLU A 517 17.53 74.78 35.46
N GLY A 518 18.13 75.30 36.53
CA GLY A 518 19.59 75.39 36.57
C GLY A 518 20.21 74.26 37.37
N TYR A 519 21.40 73.83 36.95
CA TYR A 519 22.09 72.74 37.63
C TYR A 519 23.57 73.03 37.69
N ARG A 520 24.22 72.54 38.73
CA ARG A 520 25.66 72.73 38.89
C ARG A 520 26.36 71.70 37.98
N ALA A 521 27.28 72.17 37.14
CA ALA A 521 27.98 71.29 36.21
C ALA A 521 28.69 70.11 36.85
N SER A 522 29.61 70.39 37.77
CA SER A 522 30.39 69.35 38.43
C SER A 522 29.57 68.36 39.27
N ASP A 523 28.61 68.90 40.01
CA ASP A 523 27.80 68.11 40.89
C ASP A 523 26.54 67.55 40.23
N GLY A 524 25.90 68.37 39.39
CA GLY A 524 24.68 67.96 38.73
C GLY A 524 23.50 68.36 39.60
N GLN A 525 23.81 68.97 40.74
CA GLN A 525 22.78 69.37 41.70
C GLN A 525 21.95 70.57 41.23
N HIS A 526 20.66 70.51 41.54
CA HIS A 526 19.72 71.55 41.15
C HIS A 526 20.04 72.89 41.83
N LEU A 527 19.96 73.97 41.05
CA LEU A 527 20.20 75.32 41.55
C LEU A 527 18.90 76.11 41.68
N GLY A 528 17.91 75.77 40.85
CA GLY A 528 16.63 76.46 40.88
C GLY A 528 15.95 76.73 39.54
N SER A 529 14.81 77.41 39.60
CA SER A 529 14.02 77.78 38.41
C SER A 529 14.24 79.25 38.05
N PHE A 530 14.53 79.52 36.78
CA PHE A 530 14.75 80.90 36.34
C PHE A 530 13.88 81.31 35.15
N ASP A 531 13.50 82.59 35.14
CA ASP A 531 12.68 83.16 34.08
C ASP A 531 13.60 83.53 32.93
N PRO A 532 13.33 83.02 31.71
CA PRO A 532 14.15 83.30 30.53
C PRO A 532 14.16 84.78 30.15
N LYS A 533 13.03 85.43 30.35
CA LYS A 533 12.87 86.86 30.01
C LYS A 533 13.66 87.82 30.89
N THR A 534 13.77 87.51 32.17
CA THR A 534 14.46 88.38 33.12
C THR A 534 15.75 87.78 33.72
N GLY A 535 15.72 86.48 33.95
CA GLY A 535 16.88 85.80 34.53
C GLY A 535 16.68 85.67 36.04
N ASN A 536 15.57 86.21 36.53
CA ASN A 536 15.27 86.15 37.94
C ASN A 536 14.95 84.73 38.40
N GLN A 537 15.23 84.46 39.67
CA GLN A 537 14.98 83.16 40.25
C GLN A 537 13.51 83.05 40.60
N LEU A 538 12.84 82.02 40.08
CA LEU A 538 11.43 81.86 40.40
C LEU A 538 11.24 80.96 41.61
N LYS A 539 12.17 80.01 41.79
CA LYS A 539 12.16 79.07 42.89
C LYS A 539 13.61 78.80 43.22
N GLY A 540 13.88 78.44 44.48
CA GLY A 540 15.24 78.15 44.90
C GLY A 540 15.66 76.71 44.66
N PRO A 541 16.86 76.32 45.10
CA PRO A 541 17.44 74.98 44.95
C PRO A 541 16.64 73.85 45.61
N ASP A 542 16.47 72.72 44.91
CA ASP A 542 15.76 71.56 45.47
C ASP A 542 16.83 70.48 45.60
N PRO A 543 17.24 70.16 46.85
CA PRO A 543 18.26 69.14 47.12
C PRO A 543 17.96 67.78 46.48
N LYS A 544 16.67 67.46 46.36
CA LYS A 544 16.24 66.17 45.80
C LYS A 544 16.42 66.04 44.30
N ARG A 545 16.65 67.15 43.62
CA ARG A 545 16.81 67.13 42.17
C ARG A 545 18.25 67.25 41.75
N ASN A 546 18.62 66.51 40.71
CA ASN A 546 19.98 66.55 40.16
C ASN A 546 19.99 65.77 38.84
N ILE A 547 20.98 66.02 38.00
CA ILE A 547 21.10 65.34 36.73
C ILE A 547 22.51 64.79 36.60
N LYS A 548 23.12 64.41 37.72
CA LYS A 548 24.47 63.88 37.69
C LYS A 548 24.55 62.70 36.72
N LYS A 549 23.48 61.91 36.69
CA LYS A 549 23.40 60.74 35.82
C LYS A 549 23.53 61.10 34.32
N TYR A 550 23.38 62.39 34.01
CA TYR A 550 23.49 62.87 32.63
C TYR A 550 24.45 64.05 32.56
N LEU A 551 25.51 63.95 33.35
CA LEU A 551 26.58 64.95 33.47
C LEU A 551 26.32 65.97 34.59
N GLY B 1 4.63 79.04 12.96
CA GLY B 1 4.29 77.61 12.70
C GLY B 1 5.39 76.67 13.16
N LEU B 2 5.56 75.54 12.47
CA LEU B 2 6.56 74.57 12.85
C LEU B 2 7.94 74.84 12.27
N LYS B 3 8.95 74.80 13.14
CA LYS B 3 10.32 75.01 12.66
C LYS B 3 11.24 73.92 13.21
N LEU B 4 12.14 73.46 12.37
CA LEU B 4 13.10 72.44 12.77
C LEU B 4 14.32 73.19 13.29
N ASP B 5 14.58 73.00 14.59
CA ASP B 5 15.70 73.64 15.27
C ASP B 5 16.85 72.63 15.27
N LEU B 6 17.84 72.83 14.42
CA LEU B 6 18.97 71.91 14.34
C LEU B 6 20.19 72.45 15.05
N THR B 7 20.80 71.61 15.90
CA THR B 7 22.02 72.03 16.58
C THR B 7 23.05 70.93 16.43
N TRP B 8 24.33 71.30 16.42
CA TRP B 8 25.38 70.29 16.28
C TRP B 8 26.61 70.61 17.12
N PHE B 9 27.27 69.56 17.57
CA PHE B 9 28.47 69.70 18.41
C PHE B 9 29.60 68.80 17.90
N ASP B 10 30.83 69.12 18.28
CA ASP B 10 31.97 68.33 17.86
C ASP B 10 31.97 66.98 18.58
N LYS B 11 32.14 65.89 17.85
CA LYS B 11 32.11 64.55 18.45
C LYS B 11 33.09 64.34 19.59
N SER B 12 34.31 64.83 19.42
CA SER B 12 35.33 64.66 20.45
C SER B 12 35.23 65.68 21.59
N THR B 13 35.24 66.97 21.26
CA THR B 13 35.17 68.01 22.29
C THR B 13 33.80 68.22 22.89
N GLU B 14 32.77 67.79 22.17
CA GLU B 14 31.38 67.95 22.60
C GLU B 14 31.00 69.42 22.72
N ASP B 15 31.81 70.29 22.12
CA ASP B 15 31.55 71.72 22.16
C ASP B 15 30.59 72.16 21.06
N PHE B 16 29.75 73.13 21.39
CA PHE B 16 28.78 73.65 20.45
C PHE B 16 29.48 74.21 19.21
N LYS B 17 29.02 73.80 18.03
CA LYS B 17 29.61 74.28 16.79
C LYS B 17 28.63 75.07 15.93
N GLY B 18 27.33 74.94 16.19
CA GLY B 18 26.36 75.69 15.41
C GLY B 18 24.89 75.33 15.58
N GLU B 19 24.02 76.19 15.07
CA GLU B 19 22.57 75.99 15.13
C GLU B 19 21.91 76.65 13.90
N GLU B 20 20.86 76.01 13.38
CA GLU B 20 20.14 76.55 12.24
C GLU B 20 18.66 76.24 12.32
N TYR B 21 17.84 77.20 11.93
CA TYR B 21 16.41 77.00 11.95
C TYR B 21 15.92 76.82 10.52
N SER B 22 15.13 75.78 10.29
CA SER B 22 14.58 75.57 8.96
C SER B 22 13.51 76.63 8.78
N LYS B 23 12.92 76.69 7.59
CA LYS B 23 11.85 77.64 7.29
C LYS B 23 10.68 77.25 8.17
N ASP B 24 9.64 78.08 8.20
CA ASP B 24 8.46 77.79 8.98
C ASP B 24 7.58 76.92 8.09
N PHE B 25 7.10 75.78 8.61
CA PHE B 25 6.25 74.86 7.85
C PHE B 25 4.77 75.11 8.11
N GLY B 26 4.48 76.17 8.86
CA GLY B 26 3.10 76.47 9.17
C GLY B 26 2.52 75.32 9.97
N ASP B 27 1.37 74.80 9.54
CA ASP B 27 0.76 73.69 10.27
C ASP B 27 1.01 72.36 9.59
N ASP B 28 2.00 72.32 8.71
CA ASP B 28 2.36 71.11 7.99
C ASP B 28 3.48 70.37 8.71
N GLY B 29 3.13 69.35 9.50
CA GLY B 29 4.15 68.61 10.20
C GLY B 29 4.48 67.26 9.55
N SER B 30 4.24 67.16 8.25
CA SER B 30 4.49 65.93 7.52
C SER B 30 5.96 65.50 7.64
N VAL B 31 6.84 66.48 7.86
CA VAL B 31 8.27 66.21 8.03
C VAL B 31 8.51 65.24 9.17
N MET B 32 7.73 65.39 10.23
CA MET B 32 7.92 64.49 11.36
C MET B 32 7.43 63.08 11.00
N GLU B 33 6.48 63.00 10.08
CA GLU B 33 5.93 61.71 9.65
C GLU B 33 6.96 60.94 8.83
N SER B 34 7.75 61.68 8.07
CA SER B 34 8.79 61.06 7.26
C SER B 34 9.90 60.55 8.15
N LEU B 35 10.05 61.15 9.34
CA LEU B 35 11.09 60.74 10.29
C LEU B 35 10.52 59.66 11.20
N GLY B 36 9.21 59.49 11.16
CA GLY B 36 8.58 58.47 11.98
C GLY B 36 8.44 58.93 13.42
N VAL B 37 8.43 60.25 13.63
CA VAL B 37 8.29 60.81 14.96
C VAL B 37 6.88 61.29 15.20
N PRO B 38 6.14 60.61 16.09
CA PRO B 38 4.77 60.95 16.43
C PRO B 38 4.70 62.39 16.91
N PHE B 39 3.56 63.05 16.68
CA PHE B 39 3.40 64.42 17.12
C PHE B 39 3.25 64.45 18.63
N LYS B 40 2.51 63.48 19.15
CA LYS B 40 2.24 63.40 20.59
C LYS B 40 3.47 63.54 21.49
N ASP B 41 3.43 64.54 22.37
CA ASP B 41 4.51 64.82 23.31
C ASP B 41 5.87 65.01 22.69
N ASN B 42 5.92 65.46 21.44
CA ASN B 42 7.22 65.66 20.81
C ASN B 42 7.38 67.04 20.19
N VAL B 43 6.31 67.83 20.17
CA VAL B 43 6.37 69.19 19.62
C VAL B 43 6.65 70.11 20.80
N ASN B 44 7.69 70.92 20.70
CA ASN B 44 8.08 71.79 21.80
C ASN B 44 8.33 70.89 23.01
N ASN B 45 8.93 69.73 22.77
CA ASN B 45 9.19 68.83 23.87
C ASN B 45 10.30 67.85 23.61
N GLY B 46 11.52 68.35 23.54
CA GLY B 46 12.65 67.47 23.35
C GLY B 46 13.44 67.60 22.09
N CYS B 47 14.70 67.16 22.18
CA CYS B 47 15.64 67.17 21.09
C CYS B 47 15.89 65.71 20.77
N PHE B 48 15.99 65.44 19.47
CA PHE B 48 16.22 64.08 19.01
C PHE B 48 17.56 63.95 18.31
N ASP B 49 18.21 62.82 18.52
CA ASP B 49 19.50 62.59 17.88
C ASP B 49 19.24 62.43 16.39
N VAL B 50 20.08 63.06 15.59
CA VAL B 50 19.93 62.94 14.15
C VAL B 50 20.63 61.66 13.71
N ILE B 51 19.89 60.55 13.67
CA ILE B 51 20.49 59.28 13.25
C ILE B 51 20.83 59.36 11.77
N ALA B 52 21.74 58.50 11.33
CA ALA B 52 22.21 58.48 9.96
C ALA B 52 21.14 58.47 8.88
N GLU B 53 20.21 57.53 8.98
CA GLU B 53 19.18 57.41 7.97
C GLU B 53 18.33 58.67 7.81
N TRP B 54 18.38 59.55 8.80
CA TRP B 54 17.58 60.79 8.76
C TRP B 54 18.21 61.94 7.99
N VAL B 55 19.53 61.94 7.84
CA VAL B 55 20.23 63.01 7.15
C VAL B 55 19.68 63.33 5.75
N PRO B 56 19.52 62.32 4.89
CA PRO B 56 19.00 62.57 3.54
C PRO B 56 17.61 63.19 3.57
N LEU B 57 16.86 62.90 4.62
CA LEU B 57 15.49 63.40 4.81
C LEU B 57 15.42 64.79 5.45
N LEU B 58 16.50 65.25 6.08
CA LEU B 58 16.52 66.57 6.74
C LEU B 58 17.35 67.61 6.00
N GLN B 59 18.43 67.15 5.38
CA GLN B 59 19.33 68.02 4.66
C GLN B 59 18.62 68.96 3.68
N PRO B 60 17.48 68.54 3.11
CA PRO B 60 16.83 69.47 2.17
C PRO B 60 16.37 70.76 2.80
N TYR B 61 16.19 70.79 4.12
CA TYR B 61 15.68 71.99 4.74
C TYR B 61 16.72 72.89 5.41
N PHE B 62 18.00 72.53 5.29
CA PHE B 62 19.05 73.30 5.94
C PHE B 62 20.21 73.70 5.05
N ASN B 63 20.68 74.93 5.20
CA ASN B 63 21.82 75.44 4.44
C ASN B 63 23.10 74.79 4.95
N HIS B 64 23.18 74.53 6.24
CA HIS B 64 24.36 73.89 6.79
C HIS B 64 24.45 72.48 6.20
N GLN B 65 25.65 72.02 5.90
CA GLN B 65 25.84 70.68 5.34
C GLN B 65 26.14 69.66 6.42
N ILE B 66 25.09 69.02 6.93
CA ILE B 66 25.20 68.02 7.97
C ILE B 66 26.38 67.07 7.74
N ASP B 67 27.26 67.00 8.74
CA ASP B 67 28.47 66.17 8.71
C ASP B 67 28.51 65.31 9.96
N ILE B 68 27.86 64.15 9.90
CA ILE B 68 27.80 63.27 11.05
C ILE B 68 29.08 62.52 11.34
N SER B 69 30.07 62.64 10.46
CA SER B 69 31.31 61.95 10.69
C SER B 69 32.19 62.77 11.64
N ASP B 70 32.03 64.09 11.62
CA ASP B 70 32.80 64.96 12.49
C ASP B 70 31.98 65.56 13.64
N ASN B 71 30.65 65.57 13.51
CA ASN B 71 29.81 66.15 14.56
C ASN B 71 28.63 65.28 14.96
N GLU B 72 27.97 65.70 16.04
CA GLU B 72 26.77 65.03 16.55
C GLU B 72 25.68 66.05 16.34
N TYR B 73 24.55 65.61 15.79
CA TYR B 73 23.44 66.50 15.51
C TYR B 73 22.17 66.22 16.30
N PHE B 74 21.44 67.28 16.62
CA PHE B 74 20.19 67.13 17.35
C PHE B 74 19.15 68.03 16.68
N VAL B 75 17.89 67.64 16.74
CA VAL B 75 16.83 68.43 16.13
C VAL B 75 15.60 68.44 17.02
N SER B 76 14.98 69.60 17.17
CA SER B 76 13.78 69.64 17.98
C SER B 76 12.71 70.21 17.04
N PHE B 77 11.45 69.93 17.33
CA PHE B 77 10.33 70.38 16.51
C PHE B 77 9.60 71.45 17.30
N ASP B 78 9.94 72.70 16.99
CA ASP B 78 9.37 73.84 17.71
C ASP B 78 8.18 74.48 17.01
N TYR B 79 7.16 74.80 17.78
CA TYR B 79 5.99 75.41 17.18
C TYR B 79 5.51 76.64 17.93
N ARG B 80 5.36 77.73 17.20
CA ARG B 80 4.87 79.00 17.72
C ARG B 80 3.86 79.51 16.69
N ASP B 81 2.81 80.16 17.16
CA ASP B 81 1.79 80.69 16.26
C ASP B 81 2.35 81.81 15.37
N GLY B 82 1.94 81.80 14.10
CA GLY B 82 2.40 82.82 13.17
C GLY B 82 3.90 82.84 12.93
N ASP B 83 4.40 83.90 12.32
CA ASP B 83 5.82 84.01 12.03
C ASP B 83 6.63 84.31 13.29
N TRP B 84 7.90 83.91 13.30
CA TRP B 84 8.77 84.14 14.45
C TRP B 84 10.22 83.86 14.12
N SER C 82 -44.62 -48.04 -16.72
CA SER C 82 -45.53 -46.86 -16.76
C SER C 82 -44.74 -45.55 -16.70
N ALA C 83 -43.56 -45.54 -17.29
CA ALA C 83 -42.72 -44.34 -17.30
C ALA C 83 -42.14 -44.06 -18.69
N VAL C 84 -41.90 -42.78 -18.97
CA VAL C 84 -41.33 -42.35 -20.25
C VAL C 84 -40.20 -41.38 -19.98
N ALA C 85 -39.25 -41.31 -20.91
CA ALA C 85 -38.10 -40.42 -20.73
C ALA C 85 -37.51 -39.85 -22.02
N ALA C 86 -36.68 -38.83 -21.86
CA ALA C 86 -36.02 -38.20 -22.98
C ALA C 86 -35.02 -39.17 -23.58
N PRO C 87 -34.97 -39.29 -24.91
CA PRO C 87 -34.02 -40.21 -25.54
C PRO C 87 -32.56 -39.82 -25.30
N VAL C 88 -31.72 -40.81 -24.98
CA VAL C 88 -30.30 -40.53 -24.77
C VAL C 88 -29.48 -41.41 -25.67
N ALA C 89 -28.25 -41.02 -25.95
CA ALA C 89 -27.41 -41.82 -26.80
C ALA C 89 -26.74 -42.94 -26.02
N PHE C 90 -26.19 -43.89 -26.77
CA PHE C 90 -25.44 -44.98 -26.16
C PHE C 90 -24.29 -44.29 -25.46
N GLY C 91 -23.94 -44.78 -24.27
CA GLY C 91 -22.82 -44.20 -23.52
C GLY C 91 -23.21 -43.04 -22.62
N PHE C 92 -24.42 -42.53 -22.79
CA PHE C 92 -24.90 -41.42 -21.99
C PHE C 92 -25.38 -41.94 -20.64
N PRO C 93 -25.07 -41.23 -19.53
CA PRO C 93 -25.47 -41.64 -18.19
C PRO C 93 -26.81 -40.99 -17.81
N ALA C 94 -27.91 -41.69 -18.07
CA ALA C 94 -29.24 -41.18 -17.76
C ALA C 94 -29.54 -41.22 -16.28
N LEU C 95 -29.83 -40.06 -15.72
CA LEU C 95 -30.12 -39.97 -14.30
C LEU C 95 -31.61 -39.87 -14.06
N SER C 96 -32.16 -40.75 -13.23
CA SER C 96 -33.58 -40.68 -12.92
C SER C 96 -33.90 -41.30 -11.57
N THR C 97 -34.99 -40.83 -10.97
CA THR C 97 -35.42 -41.33 -9.68
C THR C 97 -36.68 -42.17 -9.86
N PRO C 98 -36.51 -43.48 -10.09
CA PRO C 98 -37.55 -44.49 -10.31
C PRO C 98 -38.85 -44.33 -9.54
N GLY C 99 -39.93 -44.85 -10.13
CA GLY C 99 -41.24 -44.80 -9.50
C GLY C 99 -41.72 -46.23 -9.34
N ALA C 100 -42.96 -46.41 -8.94
CA ALA C 100 -43.51 -47.76 -8.77
C ALA C 100 -43.40 -48.55 -10.08
N GLY C 101 -43.59 -47.86 -11.20
CA GLY C 101 -43.53 -48.49 -12.51
C GLY C 101 -42.12 -48.93 -12.91
N GLY C 102 -41.12 -48.37 -12.23
CA GLY C 102 -39.75 -48.75 -12.52
C GLY C 102 -38.94 -47.69 -13.24
N LEU C 103 -38.02 -48.14 -14.07
CA LEU C 103 -37.15 -47.24 -14.82
C LEU C 103 -37.52 -47.15 -16.29
N ALA C 104 -37.43 -45.95 -16.84
CA ALA C 104 -37.73 -45.70 -18.25
C ALA C 104 -36.41 -45.52 -18.97
N VAL C 105 -36.21 -46.32 -20.01
CA VAL C 105 -34.98 -46.25 -20.77
C VAL C 105 -35.30 -46.00 -22.24
N SER C 106 -35.02 -44.79 -22.70
CA SER C 106 -35.27 -44.43 -24.08
C SER C 106 -33.92 -44.18 -24.75
N ILE C 107 -33.56 -45.05 -25.67
CA ILE C 107 -32.28 -44.96 -26.34
C ILE C 107 -32.34 -44.39 -27.76
N SER C 108 -31.46 -43.43 -28.03
CA SER C 108 -31.37 -42.85 -29.34
C SER C 108 -30.26 -43.63 -30.04
N ALA C 109 -30.65 -44.75 -30.66
CA ALA C 109 -29.71 -45.61 -31.36
C ALA C 109 -28.88 -44.86 -32.39
N GLY C 110 -27.68 -45.36 -32.65
CA GLY C 110 -26.80 -44.72 -33.60
C GLY C 110 -25.40 -45.24 -33.36
N ALA C 111 -24.47 -44.93 -34.26
CA ALA C 111 -23.10 -45.39 -34.09
C ALA C 111 -22.61 -44.90 -32.72
N LEU C 112 -21.83 -45.73 -32.04
CA LEU C 112 -21.32 -45.37 -30.74
C LEU C 112 -20.40 -44.15 -30.83
N SER C 113 -20.64 -43.16 -29.99
CA SER C 113 -19.84 -41.93 -29.96
C SER C 113 -18.36 -42.22 -30.13
N ALA C 114 -17.65 -41.35 -30.84
CA ALA C 114 -16.20 -41.54 -31.04
C ALA C 114 -15.46 -41.40 -29.71
N ALA C 115 -15.93 -40.53 -28.82
CA ALA C 115 -15.29 -40.33 -27.54
C ALA C 115 -15.28 -41.64 -26.75
N ILE C 116 -16.45 -42.24 -26.58
CA ILE C 116 -16.57 -43.50 -25.86
C ILE C 116 -15.78 -44.61 -26.56
N ALA C 117 -16.04 -44.79 -27.85
CA ALA C 117 -15.36 -45.81 -28.63
C ALA C 117 -13.83 -45.70 -28.55
N ASP C 118 -13.32 -44.47 -28.49
CA ASP C 118 -11.88 -44.24 -28.41
C ASP C 118 -11.38 -44.73 -27.05
N ILE C 119 -12.09 -44.33 -26.00
CA ILE C 119 -11.74 -44.73 -24.65
C ILE C 119 -11.70 -46.24 -24.56
N MET C 120 -12.81 -46.88 -24.93
CA MET C 120 -12.88 -48.32 -24.90
C MET C 120 -11.72 -48.96 -25.66
N ALA C 121 -11.28 -48.33 -26.75
CA ALA C 121 -10.18 -48.89 -27.52
C ALA C 121 -8.87 -48.80 -26.75
N ALA C 122 -8.70 -47.70 -26.03
CA ALA C 122 -7.50 -47.49 -25.25
C ALA C 122 -7.49 -48.45 -24.07
N LEU C 123 -8.67 -48.61 -23.46
CA LEU C 123 -8.83 -49.48 -22.30
C LEU C 123 -8.46 -50.93 -22.62
N LYS C 124 -8.64 -51.31 -23.88
CA LYS C 124 -8.34 -52.67 -24.31
C LYS C 124 -6.84 -52.78 -24.52
N GLY C 125 -6.19 -51.62 -24.64
CA GLY C 125 -4.75 -51.59 -24.88
C GLY C 125 -4.12 -52.76 -24.18
N PRO C 126 -3.31 -53.57 -24.86
CA PRO C 126 -2.67 -54.73 -24.23
C PRO C 126 -1.90 -54.36 -22.96
N PHE C 127 -2.53 -54.50 -21.80
CA PHE C 127 -1.89 -54.19 -20.52
C PHE C 127 -1.62 -55.50 -19.78
N LYS C 128 -0.93 -55.40 -18.64
CA LYS C 128 -0.66 -56.59 -17.83
C LYS C 128 -1.98 -57.09 -17.29
N PHE C 129 -2.13 -58.42 -17.21
CA PHE C 129 -3.36 -59.03 -16.72
C PHE C 129 -3.88 -58.31 -15.49
N GLY C 130 -5.16 -57.98 -15.52
CA GLY C 130 -5.78 -57.28 -14.41
C GLY C 130 -7.03 -56.57 -14.90
N LEU C 131 -7.80 -56.01 -13.98
CA LEU C 131 -9.01 -55.31 -14.35
C LEU C 131 -8.66 -53.81 -14.35
N TRP C 132 -8.62 -53.22 -15.54
CA TRP C 132 -8.30 -51.82 -15.67
C TRP C 132 -9.58 -51.05 -15.99
N GLY C 133 -9.57 -49.76 -15.71
CA GLY C 133 -10.76 -48.97 -15.99
C GLY C 133 -10.47 -47.52 -16.26
N VAL C 134 -11.46 -46.86 -16.85
CA VAL C 134 -11.38 -45.43 -17.14
C VAL C 134 -12.68 -44.83 -16.62
N ALA C 135 -12.57 -43.81 -15.80
CA ALA C 135 -13.75 -43.16 -15.25
C ALA C 135 -14.34 -42.28 -16.35
N LEU C 136 -15.58 -42.54 -16.74
CA LEU C 136 -16.19 -41.72 -17.78
C LEU C 136 -16.92 -40.55 -17.14
N TYR C 137 -17.64 -40.82 -16.04
CA TYR C 137 -18.40 -39.79 -15.34
C TYR C 137 -18.27 -39.83 -13.82
N GLY C 138 -18.46 -38.67 -13.20
CA GLY C 138 -18.42 -38.57 -11.76
C GLY C 138 -19.83 -38.28 -11.28
N VAL C 139 -20.18 -38.82 -10.11
CA VAL C 139 -21.51 -38.58 -9.56
C VAL C 139 -21.35 -37.57 -8.43
N LEU C 140 -22.33 -36.68 -8.32
CA LEU C 140 -22.31 -35.63 -7.30
C LEU C 140 -23.68 -35.62 -6.65
N PRO C 141 -23.91 -36.53 -5.69
CA PRO C 141 -25.16 -36.67 -4.95
C PRO C 141 -25.82 -35.38 -4.51
N SER C 142 -25.01 -34.43 -4.06
CA SER C 142 -25.54 -33.16 -3.59
C SER C 142 -26.16 -32.31 -4.68
N GLN C 143 -25.73 -32.52 -5.92
CA GLN C 143 -26.23 -31.74 -7.05
C GLN C 143 -27.58 -32.22 -7.54
N ILE C 144 -27.94 -33.45 -7.20
CA ILE C 144 -29.21 -34.00 -7.65
C ILE C 144 -30.42 -33.22 -7.16
N ALA C 145 -31.37 -32.99 -8.08
CA ALA C 145 -32.61 -32.28 -7.78
C ALA C 145 -33.37 -33.00 -6.67
N LYS C 146 -33.14 -32.54 -5.45
CA LYS C 146 -33.74 -33.10 -4.24
C LYS C 146 -35.23 -32.82 -4.07
N ASP C 147 -36.04 -33.33 -4.99
CA ASP C 147 -37.49 -33.16 -4.92
C ASP C 147 -38.01 -34.11 -3.85
N ASP C 148 -37.08 -34.95 -3.38
CA ASP C 148 -37.35 -35.96 -2.36
C ASP C 148 -35.99 -36.44 -1.85
N PRO C 149 -35.29 -35.61 -1.05
CA PRO C 149 -33.98 -35.93 -0.49
C PRO C 149 -33.83 -37.40 -0.12
N ASN C 150 -34.92 -37.99 0.36
CA ASN C 150 -34.95 -39.40 0.75
C ASN C 150 -35.23 -40.22 -0.51
N MET C 151 -34.40 -40.00 -1.53
CA MET C 151 -34.56 -40.66 -2.82
C MET C 151 -33.54 -41.76 -3.07
N MET C 152 -33.79 -42.51 -4.14
CA MET C 152 -32.90 -43.57 -4.56
C MET C 152 -32.73 -43.36 -6.06
N SER C 153 -31.87 -42.42 -6.46
CA SER C 153 -31.67 -42.17 -7.88
C SER C 153 -30.83 -43.27 -8.53
N LYS C 154 -30.96 -43.41 -9.84
CA LYS C 154 -30.22 -44.43 -10.57
C LYS C 154 -29.58 -43.80 -11.80
N ILE C 155 -28.50 -44.42 -12.25
CA ILE C 155 -27.78 -43.96 -13.42
C ILE C 155 -27.75 -45.14 -14.35
N VAL C 156 -28.34 -44.97 -15.53
CA VAL C 156 -28.43 -46.03 -16.51
C VAL C 156 -27.67 -45.67 -17.76
N THR C 157 -26.71 -46.51 -18.11
CA THR C 157 -25.90 -46.29 -19.29
C THR C 157 -26.11 -47.48 -20.21
N SER C 158 -26.24 -47.24 -21.51
CA SER C 158 -26.44 -48.35 -22.45
C SER C 158 -25.44 -48.35 -23.57
N LEU C 159 -25.20 -49.52 -24.13
CA LEU C 159 -24.27 -49.66 -25.22
C LEU C 159 -24.78 -50.78 -26.11
N PRO C 160 -24.39 -50.78 -27.39
CA PRO C 160 -24.86 -51.84 -28.28
C PRO C 160 -24.19 -53.11 -27.73
N ALA C 161 -24.95 -54.19 -27.55
CA ALA C 161 -24.40 -55.42 -27.01
C ALA C 161 -23.19 -55.94 -27.78
N ASP C 162 -23.19 -55.81 -29.10
CA ASP C 162 -22.09 -56.28 -29.92
C ASP C 162 -20.77 -55.57 -29.68
N ASP C 163 -20.83 -54.38 -29.10
CA ASP C 163 -19.60 -53.62 -28.82
C ASP C 163 -18.98 -54.09 -27.49
N ILE C 164 -19.72 -54.90 -26.74
CA ILE C 164 -19.31 -55.39 -25.44
C ILE C 164 -19.00 -56.89 -25.42
N THR C 165 -19.96 -57.70 -25.85
CA THR C 165 -19.82 -59.15 -25.86
C THR C 165 -18.60 -59.63 -26.66
N GLU C 166 -18.00 -60.73 -26.23
CA GLU C 166 -16.84 -61.29 -26.90
C GLU C 166 -17.27 -61.94 -28.22
N SER C 167 -18.54 -62.31 -28.27
CA SER C 167 -19.10 -62.96 -29.44
C SER C 167 -20.48 -62.39 -29.73
N PRO C 168 -20.79 -62.10 -31.01
CA PRO C 168 -22.09 -61.55 -31.41
C PRO C 168 -23.26 -62.22 -30.71
N VAL C 169 -24.13 -61.42 -30.10
CA VAL C 169 -25.29 -61.94 -29.39
C VAL C 169 -26.17 -62.77 -30.30
N SER C 170 -26.17 -62.43 -31.60
CA SER C 170 -26.96 -63.14 -32.60
C SER C 170 -26.56 -64.62 -32.62
N SER C 171 -25.25 -64.86 -32.65
CA SER C 171 -24.70 -66.22 -32.65
C SER C 171 -24.62 -66.73 -31.21
N LEU C 172 -25.78 -66.88 -30.58
CA LEU C 172 -25.85 -67.33 -29.21
C LEU C 172 -27.14 -68.12 -28.99
N PRO C 173 -27.02 -69.34 -28.41
CA PRO C 173 -28.19 -70.19 -28.13
C PRO C 173 -29.29 -69.41 -27.45
N LEU C 174 -30.51 -69.57 -27.95
CA LEU C 174 -31.67 -68.87 -27.40
C LEU C 174 -31.97 -69.24 -25.94
N ASP C 175 -31.36 -70.32 -25.45
CA ASP C 175 -31.59 -70.75 -24.07
C ASP C 175 -30.51 -70.31 -23.08
N LYS C 176 -29.63 -69.42 -23.50
CA LYS C 176 -28.55 -68.91 -22.64
C LYS C 176 -29.05 -67.84 -21.69
N ALA C 177 -28.49 -67.80 -20.50
CA ALA C 177 -28.89 -66.82 -19.50
C ALA C 177 -27.75 -65.89 -19.14
N THR C 178 -26.55 -66.21 -19.61
CA THR C 178 -25.38 -65.38 -19.35
C THR C 178 -24.51 -65.35 -20.61
N VAL C 179 -23.66 -64.34 -20.71
CA VAL C 179 -22.76 -64.21 -21.87
C VAL C 179 -21.45 -63.54 -21.47
N ASN C 180 -20.36 -63.96 -22.09
CA ASN C 180 -19.04 -63.38 -21.81
C ASN C 180 -18.98 -61.96 -22.37
N VAL C 181 -18.25 -61.07 -21.70
CA VAL C 181 -18.13 -59.70 -22.18
C VAL C 181 -16.69 -59.23 -22.00
N ASN C 182 -16.23 -58.38 -22.92
CA ASN C 182 -14.86 -57.87 -22.87
C ASN C 182 -14.82 -56.57 -22.09
N VAL C 183 -15.98 -55.97 -21.90
CA VAL C 183 -16.04 -54.73 -21.18
C VAL C 183 -17.35 -54.61 -20.44
N ARG C 184 -17.30 -53.91 -19.31
CA ARG C 184 -18.50 -53.72 -18.53
C ARG C 184 -18.51 -52.27 -18.06
N VAL C 185 -19.68 -51.75 -17.74
CA VAL C 185 -19.81 -50.39 -17.23
C VAL C 185 -20.21 -50.61 -15.77
N VAL C 186 -19.40 -50.08 -14.86
CA VAL C 186 -19.63 -50.25 -13.42
C VAL C 186 -19.34 -48.98 -12.61
N ASP C 187 -19.89 -48.93 -11.40
CA ASP C 187 -19.68 -47.80 -10.52
C ASP C 187 -18.43 -48.11 -9.65
N ASP C 188 -17.42 -47.26 -9.76
CA ASP C 188 -16.17 -47.43 -9.04
C ASP C 188 -15.87 -46.20 -8.19
N VAL C 189 -15.51 -46.42 -6.94
CA VAL C 189 -15.23 -45.34 -6.01
C VAL C 189 -13.74 -45.11 -5.83
N LYS C 190 -13.32 -43.85 -6.02
CA LYS C 190 -11.94 -43.43 -5.87
C LYS C 190 -11.92 -42.02 -5.34
N ASP C 191 -10.92 -41.76 -4.50
CA ASP C 191 -10.71 -40.45 -3.89
C ASP C 191 -11.99 -39.83 -3.38
N GLU C 192 -12.75 -40.61 -2.63
CA GLU C 192 -13.98 -40.13 -2.03
C GLU C 192 -15.06 -39.76 -3.03
N ARG C 193 -15.03 -40.34 -4.23
CA ARG C 193 -16.07 -40.03 -5.22
C ARG C 193 -16.49 -41.25 -6.03
N GLN C 194 -17.80 -41.44 -6.14
CA GLN C 194 -18.36 -42.52 -6.92
C GLN C 194 -18.33 -42.08 -8.37
N ASN C 195 -17.85 -42.95 -9.25
CA ASN C 195 -17.83 -42.61 -10.66
C ASN C 195 -18.36 -43.80 -11.49
N ILE C 196 -18.64 -43.55 -12.77
CA ILE C 196 -19.12 -44.58 -13.68
C ILE C 196 -17.94 -44.85 -14.60
N SER C 197 -17.51 -46.09 -14.69
CA SER C 197 -16.36 -46.39 -15.53
C SER C 197 -16.56 -47.61 -16.41
N VAL C 198 -15.68 -47.77 -17.39
CA VAL C 198 -15.73 -48.95 -18.23
C VAL C 198 -14.47 -49.71 -17.83
N VAL C 199 -14.63 -51.00 -17.57
CA VAL C 199 -13.49 -51.81 -17.17
C VAL C 199 -13.26 -52.96 -18.12
N SER C 200 -12.03 -53.45 -18.17
CA SER C 200 -11.71 -54.54 -19.06
C SER C 200 -10.38 -55.15 -18.61
N GLY C 201 -10.02 -56.30 -19.18
CA GLY C 201 -8.75 -56.92 -18.84
C GLY C 201 -8.78 -58.28 -18.15
N VAL C 202 -9.97 -58.74 -17.81
CA VAL C 202 -10.12 -59.99 -17.12
C VAL C 202 -11.42 -60.60 -17.61
N PRO C 203 -11.53 -61.94 -17.61
CA PRO C 203 -12.74 -62.62 -18.05
C PRO C 203 -13.93 -62.12 -17.23
N MET C 204 -15.05 -61.85 -17.89
CA MET C 204 -16.25 -61.34 -17.22
C MET C 204 -17.49 -61.90 -17.89
N SER C 205 -18.60 -61.90 -17.17
CA SER C 205 -19.83 -62.45 -17.70
C SER C 205 -20.99 -61.56 -17.29
N CYS C 206 -22.02 -61.49 -18.14
CA CYS C 206 -23.21 -60.70 -17.85
C CYS C 206 -24.43 -61.56 -18.02
N PRO C 207 -25.49 -61.21 -17.32
CA PRO C 207 -26.72 -61.98 -17.45
C PRO C 207 -27.36 -61.59 -18.78
N VAL C 208 -28.10 -62.53 -19.37
CA VAL C 208 -28.81 -62.27 -20.61
C VAL C 208 -30.27 -62.22 -20.20
N VAL C 209 -30.88 -61.05 -20.32
CA VAL C 209 -32.29 -60.90 -19.95
C VAL C 209 -33.13 -60.80 -21.22
N ASP C 210 -34.23 -61.53 -21.23
CA ASP C 210 -35.14 -61.53 -22.37
C ASP C 210 -36.17 -60.42 -22.16
N ALA C 211 -36.23 -59.47 -23.09
CA ALA C 211 -37.20 -58.38 -22.98
C ALA C 211 -38.59 -58.92 -23.33
N LYS C 212 -39.62 -58.41 -22.66
CA LYS C 212 -40.97 -58.86 -22.93
C LYS C 212 -41.85 -57.75 -23.53
N PRO C 213 -42.76 -58.11 -24.45
CA PRO C 213 -43.69 -57.19 -25.12
C PRO C 213 -44.60 -56.48 -24.14
N THR C 214 -45.06 -55.28 -24.52
CA THR C 214 -45.93 -54.49 -23.66
C THR C 214 -47.11 -53.94 -24.48
N GLU C 215 -47.94 -53.13 -23.84
CA GLU C 215 -49.07 -52.52 -24.52
C GLU C 215 -48.55 -51.69 -25.69
N ARG C 216 -47.90 -50.57 -25.36
CA ARG C 216 -47.36 -49.66 -26.36
C ARG C 216 -46.27 -50.31 -27.20
N PRO C 217 -46.46 -50.37 -28.54
CA PRO C 217 -45.45 -50.96 -29.42
C PRO C 217 -44.11 -50.25 -29.27
N GLY C 218 -43.02 -50.96 -29.53
CA GLY C 218 -41.69 -50.38 -29.41
C GLY C 218 -41.22 -50.29 -27.96
N VAL C 219 -42.16 -50.53 -27.04
CA VAL C 219 -41.87 -50.48 -25.62
C VAL C 219 -41.82 -51.87 -24.98
N PHE C 220 -40.66 -52.25 -24.44
CA PHE C 220 -40.48 -53.55 -23.82
C PHE C 220 -40.14 -53.42 -22.33
N THR C 221 -40.31 -54.52 -21.60
CA THR C 221 -39.99 -54.55 -20.18
C THR C 221 -38.91 -55.61 -20.00
N ALA C 222 -37.91 -55.30 -19.18
CA ALA C 222 -36.82 -56.24 -18.91
C ALA C 222 -36.52 -56.19 -17.42
N SER C 223 -36.47 -57.37 -16.82
CA SER C 223 -36.20 -57.48 -15.40
C SER C 223 -34.77 -57.88 -15.11
N ILE C 224 -33.97 -56.93 -14.64
CA ILE C 224 -32.59 -57.23 -14.30
C ILE C 224 -32.66 -57.66 -12.85
N PRO C 225 -32.04 -58.81 -12.52
CA PRO C 225 -32.00 -59.39 -11.18
C PRO C 225 -32.15 -58.41 -10.01
N GLY C 226 -31.21 -57.49 -9.85
CA GLY C 226 -31.33 -56.58 -8.72
C GLY C 226 -31.67 -55.12 -9.02
N ALA C 227 -32.23 -54.87 -10.20
CA ALA C 227 -32.58 -53.51 -10.58
C ALA C 227 -34.08 -53.33 -10.78
N PRO C 228 -34.55 -52.09 -10.72
CA PRO C 228 -35.98 -51.85 -10.93
C PRO C 228 -36.29 -52.30 -12.36
N VAL C 229 -37.52 -52.74 -12.60
CA VAL C 229 -37.91 -53.20 -13.93
C VAL C 229 -37.62 -52.10 -14.96
N LEU C 230 -37.07 -52.50 -16.11
CA LEU C 230 -36.74 -51.58 -17.18
C LEU C 230 -37.81 -51.56 -18.27
N ASN C 231 -38.22 -50.35 -18.65
CA ASN C 231 -39.21 -50.13 -19.71
C ASN C 231 -38.36 -49.55 -20.82
N ILE C 232 -37.77 -50.43 -21.62
CA ILE C 232 -36.87 -50.01 -22.69
C ILE C 232 -37.54 -49.78 -24.02
N SER C 233 -36.96 -48.88 -24.81
CA SER C 233 -37.42 -48.56 -26.16
C SER C 233 -36.21 -47.99 -26.89
N VAL C 234 -35.95 -48.51 -28.08
CA VAL C 234 -34.83 -48.04 -28.88
C VAL C 234 -35.35 -47.50 -30.21
N ASN C 235 -34.76 -46.40 -30.67
CA ASN C 235 -35.18 -45.78 -31.93
C ASN C 235 -34.02 -45.50 -32.91
N ASN C 236 -34.15 -46.06 -34.12
CA ASN C 236 -33.16 -45.93 -35.19
C ASN C 236 -32.46 -44.59 -35.23
N SER C 237 -33.23 -43.51 -35.17
CA SER C 237 -32.66 -42.18 -35.19
C SER C 237 -33.67 -41.12 -34.73
N THR C 238 -33.35 -40.51 -33.59
CA THR C 238 -34.17 -39.47 -32.98
C THR C 238 -33.23 -38.52 -32.25
N PRO C 239 -33.77 -37.41 -31.72
CA PRO C 239 -32.85 -36.51 -31.01
C PRO C 239 -32.30 -37.22 -29.76
N ALA C 240 -31.17 -36.74 -29.24
CA ALA C 240 -30.56 -37.32 -28.05
C ALA C 240 -30.22 -36.18 -27.11
N VAL C 241 -30.41 -36.37 -25.81
CA VAL C 241 -30.09 -35.32 -24.84
C VAL C 241 -28.65 -34.89 -25.09
N GLN C 242 -28.45 -33.58 -25.16
CA GLN C 242 -27.14 -33.02 -25.44
C GLN C 242 -26.28 -32.71 -24.23
N THR C 243 -26.90 -32.61 -23.06
CA THR C 243 -26.11 -32.31 -21.87
C THR C 243 -26.46 -33.11 -20.62
N LEU C 244 -25.43 -33.47 -19.87
CA LEU C 244 -25.58 -34.24 -18.63
C LEU C 244 -26.49 -33.48 -17.69
N SER C 245 -27.24 -34.20 -16.87
CA SER C 245 -28.12 -33.53 -15.94
C SER C 245 -27.36 -33.30 -14.64
N PRO C 246 -27.86 -32.40 -13.79
CA PRO C 246 -27.21 -32.12 -12.51
C PRO C 246 -27.04 -33.43 -11.73
N GLY C 247 -25.82 -33.68 -11.27
CA GLY C 247 -25.57 -34.90 -10.52
C GLY C 247 -24.55 -35.80 -11.18
N VAL C 248 -24.25 -35.55 -12.46
CA VAL C 248 -23.26 -36.33 -13.18
C VAL C 248 -22.35 -35.37 -13.94
N THR C 249 -21.05 -35.62 -13.97
CA THR C 249 -20.11 -34.74 -14.66
C THR C 249 -19.15 -35.52 -15.53
N ASN C 250 -18.73 -34.95 -16.66
CA ASN C 250 -17.79 -35.67 -17.49
C ASN C 250 -16.37 -35.22 -17.22
N ASN C 251 -16.19 -34.50 -16.11
CA ASN C 251 -14.86 -34.02 -15.72
C ASN C 251 -14.24 -35.04 -14.81
N THR C 252 -13.48 -35.95 -15.38
CA THR C 252 -12.83 -36.96 -14.58
C THR C 252 -11.44 -37.23 -15.11
N ASP C 253 -10.62 -37.87 -14.29
CA ASP C 253 -9.27 -38.23 -14.66
C ASP C 253 -9.52 -39.35 -15.67
N LYS C 254 -9.27 -39.10 -16.94
CA LYS C 254 -9.50 -40.11 -17.96
C LYS C 254 -8.35 -41.11 -18.08
N ASP C 255 -7.43 -41.10 -17.12
CA ASP C 255 -6.30 -42.03 -17.19
C ASP C 255 -6.72 -43.46 -16.84
N VAL C 256 -6.10 -44.43 -17.51
CA VAL C 256 -6.39 -45.83 -17.24
C VAL C 256 -5.80 -46.16 -15.88
N ARG C 257 -6.66 -46.66 -14.99
CA ARG C 257 -6.26 -47.00 -13.64
C ARG C 257 -6.81 -48.38 -13.25
N PRO C 258 -6.29 -48.95 -12.16
CA PRO C 258 -6.79 -50.27 -11.75
C PRO C 258 -8.19 -50.14 -11.20
N ALA C 259 -9.07 -51.05 -11.61
CA ALA C 259 -10.45 -51.05 -11.13
C ALA C 259 -10.41 -51.32 -9.63
N GLY C 260 -11.38 -50.79 -8.88
CA GLY C 260 -11.38 -51.00 -7.45
C GLY C 260 -11.76 -52.39 -6.98
N PHE C 261 -11.51 -52.66 -5.69
CA PHE C 261 -11.83 -53.95 -5.11
C PHE C 261 -13.33 -54.12 -5.13
N THR C 262 -14.03 -53.03 -4.84
CA THR C 262 -15.48 -53.05 -4.82
C THR C 262 -16.11 -52.55 -6.12
N GLN C 263 -15.39 -52.60 -7.23
CA GLN C 263 -15.95 -52.13 -8.52
C GLN C 263 -17.27 -52.80 -8.83
N GLY C 264 -18.29 -52.01 -9.14
CA GLY C 264 -19.58 -52.58 -9.47
C GLY C 264 -20.38 -53.02 -8.26
N GLY C 265 -19.88 -52.70 -7.07
CA GLY C 265 -20.56 -53.08 -5.84
C GLY C 265 -22.01 -52.64 -5.79
N ASN C 266 -22.34 -51.55 -6.47
CA ASN C 266 -23.71 -51.06 -6.49
C ASN C 266 -24.22 -50.94 -7.93
N THR C 267 -23.81 -51.87 -8.75
CA THR C 267 -24.19 -51.87 -10.15
C THR C 267 -24.81 -53.22 -10.52
N ARG C 268 -25.84 -53.17 -11.35
CA ARG C 268 -26.50 -54.37 -11.86
C ARG C 268 -26.62 -54.11 -13.34
N ASP C 269 -25.99 -54.96 -14.14
CA ASP C 269 -26.02 -54.81 -15.58
C ASP C 269 -26.47 -56.10 -16.26
N ALA C 270 -26.72 -56.02 -17.56
CA ALA C 270 -27.16 -57.18 -18.32
C ALA C 270 -27.23 -56.91 -19.82
N VAL C 271 -27.25 -57.97 -20.60
CA VAL C 271 -27.38 -57.82 -22.05
C VAL C 271 -28.86 -58.14 -22.30
N ILE C 272 -29.61 -57.17 -22.77
CA ILE C 272 -31.04 -57.41 -23.02
C ILE C 272 -31.30 -57.84 -24.45
N ARG C 273 -31.86 -59.03 -24.64
CA ARG C 273 -32.19 -59.49 -26.00
C ARG C 273 -33.69 -59.37 -26.19
N PHE C 274 -34.11 -58.84 -27.34
CA PHE C 274 -35.53 -58.64 -27.64
C PHE C 274 -36.19 -59.84 -28.33
N PRO C 275 -37.53 -59.90 -28.31
CA PRO C 275 -38.33 -60.97 -28.93
C PRO C 275 -37.90 -61.32 -30.35
N LYS C 276 -37.93 -62.62 -30.65
CA LYS C 276 -37.52 -63.12 -31.97
C LYS C 276 -37.74 -62.19 -33.16
N ASP C 277 -38.98 -61.87 -33.46
CA ASP C 277 -39.26 -61.03 -34.61
C ASP C 277 -39.52 -59.56 -34.27
N SER C 278 -38.82 -59.04 -33.27
CA SER C 278 -38.98 -57.65 -32.86
C SER C 278 -38.20 -56.69 -33.74
N GLY C 279 -37.05 -57.15 -34.23
CA GLY C 279 -36.20 -56.32 -35.08
C GLY C 279 -35.15 -55.52 -34.32
N HIS C 280 -35.20 -55.57 -32.99
CA HIS C 280 -34.22 -54.83 -32.19
C HIS C 280 -32.97 -55.61 -31.85
N ASN C 281 -31.80 -55.02 -32.12
CA ASN C 281 -30.56 -55.69 -31.77
C ASN C 281 -30.43 -55.73 -30.25
N ALA C 282 -29.56 -56.60 -29.75
CA ALA C 282 -29.38 -56.71 -28.32
C ALA C 282 -28.71 -55.45 -27.77
N VAL C 283 -29.14 -55.05 -26.58
CA VAL C 283 -28.61 -53.86 -25.93
C VAL C 283 -28.07 -54.12 -24.51
N TYR C 284 -26.86 -53.64 -24.26
CA TYR C 284 -26.24 -53.79 -22.95
C TYR C 284 -26.69 -52.61 -22.09
N VAL C 285 -27.14 -52.89 -20.87
CA VAL C 285 -27.60 -51.84 -19.95
C VAL C 285 -26.96 -52.03 -18.55
N SER C 286 -26.42 -50.96 -17.97
CA SER C 286 -25.82 -51.03 -16.65
C SER C 286 -26.51 -50.04 -15.72
N VAL C 287 -27.06 -50.57 -14.64
CA VAL C 287 -27.79 -49.74 -13.68
C VAL C 287 -26.98 -49.56 -12.39
N SER C 288 -26.67 -48.30 -12.05
CA SER C 288 -25.92 -48.00 -10.83
C SER C 288 -26.73 -47.18 -9.84
N ASP C 289 -26.59 -47.50 -8.55
CA ASP C 289 -27.29 -46.73 -7.52
C ASP C 289 -26.44 -45.48 -7.32
N VAL C 290 -27.08 -44.38 -6.97
CA VAL C 290 -26.38 -43.14 -6.69
C VAL C 290 -26.11 -43.18 -5.18
N LEU C 291 -24.87 -43.37 -4.79
CA LEU C 291 -24.51 -43.45 -3.38
C LEU C 291 -24.53 -42.08 -2.71
N SER C 292 -24.95 -42.05 -1.45
CA SER C 292 -24.97 -40.80 -0.72
C SER C 292 -23.53 -40.62 -0.22
N PRO C 293 -23.21 -39.43 0.30
CA PRO C 293 -21.87 -39.15 0.82
C PRO C 293 -21.42 -40.23 1.82
N ASP C 294 -22.32 -40.65 2.70
CA ASP C 294 -21.97 -41.66 3.68
C ASP C 294 -21.67 -43.01 3.03
N GLN C 295 -22.47 -43.38 2.03
CA GLN C 295 -22.28 -44.64 1.34
C GLN C 295 -21.00 -44.62 0.53
N VAL C 296 -20.63 -43.43 0.06
CA VAL C 296 -19.41 -43.31 -0.71
C VAL C 296 -18.23 -43.58 0.23
N LYS C 297 -18.36 -43.08 1.45
CA LYS C 297 -17.31 -43.27 2.45
C LYS C 297 -17.16 -44.76 2.77
N GLN C 298 -18.30 -45.43 2.99
CA GLN C 298 -18.27 -46.85 3.29
C GLN C 298 -17.52 -47.59 2.18
N ARG C 299 -17.77 -47.21 0.92
CA ARG C 299 -17.10 -47.89 -0.18
C ARG C 299 -15.61 -47.61 -0.13
N GLN C 300 -15.26 -46.35 0.07
CA GLN C 300 -13.86 -45.95 0.10
C GLN C 300 -13.09 -46.62 1.26
N ASP C 301 -13.72 -46.74 2.42
CA ASP C 301 -13.06 -47.38 3.55
C ASP C 301 -12.81 -48.84 3.16
N GLU C 302 -13.83 -49.47 2.58
CA GLU C 302 -13.70 -50.85 2.15
C GLU C 302 -12.56 -50.99 1.15
N GLU C 303 -12.46 -50.08 0.19
CA GLU C 303 -11.35 -50.15 -0.77
C GLU C 303 -10.04 -50.08 0.01
N ASN C 304 -9.96 -49.13 0.93
CA ASN C 304 -8.74 -48.93 1.73
C ASN C 304 -8.35 -50.19 2.50
N ARG C 305 -9.33 -50.77 3.17
CA ARG C 305 -9.15 -51.99 3.96
C ARG C 305 -8.58 -53.11 3.11
N ARG C 306 -9.23 -53.39 1.97
CA ARG C 306 -8.80 -54.48 1.10
C ARG C 306 -7.43 -54.23 0.47
N GLN C 307 -7.12 -52.96 0.27
CA GLN C 307 -5.84 -52.59 -0.32
C GLN C 307 -4.77 -52.84 0.73
N GLN C 308 -5.09 -52.55 2.00
CA GLN C 308 -4.15 -52.77 3.09
C GLN C 308 -3.90 -54.27 3.24
N GLU C 309 -4.97 -55.06 3.18
CA GLU C 309 -4.84 -56.50 3.30
C GLU C 309 -3.99 -57.02 2.16
N TRP C 310 -4.04 -56.36 1.02
CA TRP C 310 -3.26 -56.83 -0.12
C TRP C 310 -1.79 -56.47 0.06
N ASP C 311 -1.55 -55.23 0.49
CA ASP C 311 -0.20 -54.75 0.72
C ASP C 311 0.53 -55.62 1.76
N ALA C 312 -0.19 -55.99 2.82
CA ALA C 312 0.40 -56.81 3.88
C ALA C 312 0.90 -58.16 3.37
N THR C 313 0.18 -58.75 2.43
CA THR C 313 0.55 -60.05 1.89
C THR C 313 1.34 -59.98 0.58
N HIS C 314 1.74 -58.78 0.18
CA HIS C 314 2.50 -58.61 -1.05
C HIS C 314 3.61 -57.56 -0.85
N PRO C 315 4.65 -57.92 -0.08
CA PRO C 315 5.80 -57.05 0.23
C PRO C 315 6.41 -56.32 -0.95
N VAL C 316 6.60 -57.03 -2.06
CA VAL C 316 7.18 -56.42 -3.24
C VAL C 316 6.27 -55.37 -3.83
N GLU C 317 5.03 -55.77 -4.12
CA GLU C 317 4.03 -54.87 -4.69
C GLU C 317 3.81 -53.69 -3.74
N ALA C 318 3.72 -53.97 -2.46
CA ALA C 318 3.52 -52.91 -1.48
C ALA C 318 4.67 -51.90 -1.55
N ALA C 319 5.90 -52.40 -1.41
CA ALA C 319 7.06 -51.53 -1.47
C ALA C 319 7.20 -50.88 -2.84
N GLU C 320 6.67 -51.55 -3.85
CA GLU C 320 6.71 -51.08 -5.23
C GLU C 320 5.94 -49.76 -5.32
N ARG C 321 4.70 -49.76 -4.84
CA ARG C 321 3.88 -48.56 -4.88
C ARG C 321 4.32 -47.59 -3.80
N ASN C 322 4.96 -48.11 -2.76
CA ASN C 322 5.43 -47.27 -1.67
C ASN C 322 6.59 -46.40 -2.16
N TYR C 323 7.26 -46.87 -3.21
CA TYR C 323 8.36 -46.12 -3.81
C TYR C 323 7.78 -45.21 -4.88
N GLU C 324 6.90 -45.74 -5.71
CA GLU C 324 6.29 -44.96 -6.77
C GLU C 324 5.64 -43.72 -6.16
N ARG C 325 5.16 -43.87 -4.92
CA ARG C 325 4.53 -42.77 -4.19
C ARG C 325 5.59 -41.78 -3.73
N ALA C 326 6.81 -42.27 -3.50
CA ALA C 326 7.89 -41.40 -3.07
C ALA C 326 8.38 -40.63 -4.28
N ARG C 327 8.50 -41.32 -5.41
CA ARG C 327 8.94 -40.71 -6.65
C ARG C 327 8.03 -39.53 -6.96
N ALA C 328 6.74 -39.68 -6.65
CA ALA C 328 5.76 -38.64 -6.90
C ALA C 328 5.93 -37.48 -5.93
N GLU C 329 5.84 -37.77 -4.63
CA GLU C 329 5.98 -36.73 -3.62
C GLU C 329 7.25 -35.91 -3.81
N LEU C 330 8.30 -36.56 -4.32
CA LEU C 330 9.56 -35.89 -4.57
C LEU C 330 9.38 -34.89 -5.70
N ASN C 331 8.93 -35.38 -6.85
CA ASN C 331 8.73 -34.52 -8.01
C ASN C 331 7.83 -33.32 -7.68
N GLN C 332 6.89 -33.53 -6.76
CA GLN C 332 5.98 -32.47 -6.39
C GLN C 332 6.68 -31.42 -5.52
N ALA C 333 7.69 -31.86 -4.77
CA ALA C 333 8.46 -30.96 -3.92
C ALA C 333 9.39 -30.10 -4.77
N ASN C 334 9.81 -30.63 -5.90
CA ASN C 334 10.70 -29.90 -6.79
C ASN C 334 9.91 -28.79 -7.45
N GLU C 335 8.67 -29.10 -7.82
CA GLU C 335 7.80 -28.13 -8.45
C GLU C 335 7.44 -27.08 -7.41
N ASP C 336 7.44 -27.50 -6.15
CA ASP C 336 7.14 -26.62 -5.05
C ASP C 336 8.28 -25.61 -4.89
N VAL C 337 9.50 -26.11 -5.02
CA VAL C 337 10.69 -25.29 -4.92
C VAL C 337 10.72 -24.31 -6.09
N ALA C 338 10.56 -24.82 -7.30
CA ALA C 338 10.55 -23.96 -8.48
C ALA C 338 9.48 -22.88 -8.38
N ARG C 339 8.36 -23.22 -7.75
CA ARG C 339 7.28 -22.25 -7.61
C ARG C 339 7.64 -21.17 -6.61
N ASN C 340 8.34 -21.55 -5.54
CA ASN C 340 8.73 -20.57 -4.55
C ASN C 340 9.87 -19.71 -5.07
N GLN C 341 10.64 -20.23 -6.02
CA GLN C 341 11.71 -19.46 -6.59
C GLN C 341 11.11 -18.37 -7.49
N GLU C 342 9.98 -18.69 -8.11
CA GLU C 342 9.27 -17.74 -8.96
C GLU C 342 8.65 -16.65 -8.10
N ARG C 343 8.04 -17.04 -6.98
CA ARG C 343 7.42 -16.09 -6.07
C ARG C 343 8.47 -15.12 -5.51
N GLN C 344 9.63 -15.65 -5.15
CA GLN C 344 10.70 -14.83 -4.60
C GLN C 344 11.26 -13.90 -5.67
N ALA C 345 11.62 -14.43 -6.82
CA ALA C 345 12.17 -13.59 -7.88
C ALA C 345 11.19 -12.48 -8.22
N LYS C 346 9.90 -12.76 -8.14
CA LYS C 346 8.91 -11.75 -8.46
C LYS C 346 8.78 -10.75 -7.32
N ALA C 347 8.85 -11.24 -6.08
CA ALA C 347 8.75 -10.36 -4.93
C ALA C 347 9.96 -9.40 -4.91
N VAL C 348 11.10 -9.88 -5.38
CA VAL C 348 12.31 -9.06 -5.45
C VAL C 348 12.13 -7.94 -6.46
N GLN C 349 11.63 -8.27 -7.64
CA GLN C 349 11.40 -7.26 -8.65
C GLN C 349 10.43 -6.20 -8.12
N VAL C 350 9.35 -6.64 -7.46
CA VAL C 350 8.37 -5.70 -6.91
C VAL C 350 8.98 -4.88 -5.76
N TYR C 351 9.83 -5.51 -4.97
CA TYR C 351 10.48 -4.84 -3.85
C TYR C 351 11.28 -3.65 -4.37
N ASN C 352 12.19 -3.91 -5.32
CA ASN C 352 13.01 -2.86 -5.89
C ASN C 352 12.20 -1.77 -6.54
N SER C 353 11.20 -2.18 -7.30
CA SER C 353 10.34 -1.24 -7.97
C SER C 353 9.66 -0.32 -6.95
N ARG C 354 9.06 -0.88 -5.91
CA ARG C 354 8.39 -0.07 -4.89
C ARG C 354 9.35 0.77 -4.04
N LYS C 355 10.58 0.30 -3.90
CA LYS C 355 11.60 1.01 -3.15
C LYS C 355 12.01 2.29 -3.90
N SER C 356 12.19 2.18 -5.21
CA SER C 356 12.56 3.33 -6.03
C SER C 356 11.47 4.39 -5.99
N GLU C 357 10.22 3.94 -6.06
CA GLU C 357 9.09 4.85 -6.01
C GLU C 357 9.04 5.57 -4.67
N LEU C 358 9.40 4.87 -3.59
CA LEU C 358 9.38 5.49 -2.27
C LEU C 358 10.50 6.51 -2.18
N ASP C 359 11.70 6.12 -2.59
CA ASP C 359 12.86 7.00 -2.57
C ASP C 359 12.60 8.32 -3.26
N ALA C 360 12.08 8.23 -4.47
CA ALA C 360 11.76 9.44 -5.22
C ALA C 360 10.69 10.22 -4.48
N ALA C 361 9.64 9.56 -4.02
CA ALA C 361 8.60 10.29 -3.32
C ALA C 361 9.20 11.04 -2.11
N ASN C 362 10.16 10.43 -1.42
CA ASN C 362 10.79 11.06 -0.28
C ASN C 362 11.64 12.29 -0.65
N LYS C 363 12.28 12.25 -1.82
CA LYS C 363 13.09 13.39 -2.25
C LYS C 363 12.15 14.59 -2.35
N THR C 364 11.03 14.38 -3.04
CA THR C 364 10.03 15.42 -3.22
C THR C 364 9.55 15.95 -1.88
N LEU C 365 9.17 15.06 -0.99
CA LEU C 365 8.69 15.46 0.32
C LEU C 365 9.74 16.29 1.07
N ALA C 366 10.99 15.85 0.96
CA ALA C 366 12.10 16.55 1.62
C ALA C 366 12.28 17.95 1.03
N ASP C 367 12.13 18.08 -0.29
CA ASP C 367 12.27 19.37 -0.95
C ASP C 367 11.13 20.30 -0.57
N ALA C 368 9.94 19.75 -0.34
CA ALA C 368 8.82 20.60 0.03
C ALA C 368 8.94 21.05 1.49
N ILE C 369 9.45 20.16 2.35
CA ILE C 369 9.62 20.51 3.76
C ILE C 369 10.69 21.60 3.87
N ALA C 370 11.80 21.42 3.15
CA ALA C 370 12.87 22.42 3.14
C ALA C 370 12.35 23.73 2.53
N GLU C 371 11.41 23.63 1.60
CA GLU C 371 10.87 24.83 0.98
C GLU C 371 10.04 25.66 1.96
N ILE C 372 9.32 25.02 2.88
CA ILE C 372 8.54 25.81 3.81
C ILE C 372 9.55 26.50 4.74
N LYS C 373 10.65 25.81 5.00
CA LYS C 373 11.70 26.35 5.85
C LYS C 373 12.26 27.62 5.21
N GLN C 374 12.47 27.59 3.90
CA GLN C 374 12.98 28.72 3.17
C GLN C 374 12.08 29.96 3.24
N PHE C 375 10.81 29.77 3.53
CA PHE C 375 9.88 30.88 3.61
C PHE C 375 9.30 31.07 4.99
N ASN C 376 9.89 30.41 5.98
CA ASN C 376 9.37 30.52 7.35
C ASN C 376 9.47 31.96 7.85
N ARG C 377 10.39 32.74 7.27
CA ARG C 377 10.57 34.14 7.67
C ARG C 377 9.26 34.91 7.51
N PHE C 378 8.35 34.40 6.67
CA PHE C 378 7.07 35.08 6.46
C PHE C 378 5.92 34.43 7.24
N ALA C 379 6.22 33.33 7.93
CA ALA C 379 5.23 32.60 8.71
C ALA C 379 4.34 33.43 9.63
N HIS C 380 4.78 34.63 9.99
CA HIS C 380 3.99 35.47 10.89
C HIS C 380 3.68 36.83 10.30
N ASP C 381 3.87 36.98 9.00
CA ASP C 381 3.57 38.25 8.36
C ASP C 381 2.50 38.06 7.28
N PRO C 382 1.23 37.88 7.71
CA PRO C 382 0.06 37.68 6.85
C PRO C 382 -0.06 38.66 5.71
N MET C 383 0.48 39.85 5.92
CA MET C 383 0.40 40.91 4.92
C MET C 383 1.47 40.84 3.85
N ALA C 384 2.53 40.09 4.10
CA ALA C 384 3.62 39.97 3.14
C ALA C 384 3.35 38.99 2.00
N GLY C 385 3.78 39.35 0.80
CA GLY C 385 3.59 38.50 -0.34
C GLY C 385 4.34 37.19 -0.16
N GLY C 386 5.40 37.23 0.63
CA GLY C 386 6.18 36.02 0.87
C GLY C 386 5.40 35.02 1.72
N HIS C 387 4.31 35.48 2.32
CA HIS C 387 3.49 34.62 3.16
C HIS C 387 2.74 33.65 2.25
N ARG C 388 2.45 34.09 1.03
CA ARG C 388 1.75 33.24 0.07
C ARG C 388 2.67 32.06 -0.26
N MET C 389 3.94 32.38 -0.53
CA MET C 389 4.93 31.35 -0.86
C MET C 389 5.01 30.30 0.25
N TRP C 390 5.00 30.77 1.49
CA TRP C 390 5.09 29.91 2.66
C TRP C 390 3.90 28.94 2.76
N GLN C 391 2.69 29.47 2.68
CA GLN C 391 1.49 28.64 2.75
C GLN C 391 1.43 27.68 1.57
N MET C 392 1.85 28.13 0.40
CA MET C 392 1.84 27.27 -0.77
C MET C 392 2.78 26.10 -0.54
N ALA C 393 3.90 26.38 0.14
CA ALA C 393 4.86 25.35 0.44
C ALA C 393 4.20 24.28 1.33
N GLY C 394 3.35 24.72 2.26
CA GLY C 394 2.66 23.78 3.14
C GLY C 394 1.78 22.82 2.34
N LEU C 395 1.05 23.38 1.38
CA LEU C 395 0.16 22.64 0.50
C LEU C 395 0.96 21.60 -0.25
N LYS C 396 2.06 22.04 -0.85
CA LYS C 396 2.91 21.14 -1.61
C LYS C 396 3.48 20.06 -0.69
N ALA C 397 3.74 20.44 0.54
CA ALA C 397 4.30 19.48 1.48
C ALA C 397 3.28 18.41 1.86
N GLN C 398 2.05 18.82 2.18
CA GLN C 398 1.04 17.85 2.54
C GLN C 398 0.80 16.90 1.36
N ARG C 399 0.69 17.46 0.16
CA ARG C 399 0.48 16.59 -1.00
C ARG C 399 1.60 15.58 -1.14
N ALA C 400 2.83 16.03 -0.95
CA ALA C 400 3.93 15.09 -1.07
C ALA C 400 3.94 14.09 0.10
N GLN C 401 3.39 14.48 1.24
CA GLN C 401 3.40 13.57 2.38
C GLN C 401 2.39 12.47 2.13
N THR C 402 1.21 12.86 1.67
CA THR C 402 0.14 11.94 1.39
C THR C 402 0.60 10.91 0.37
N ASP C 403 1.39 11.35 -0.61
CA ASP C 403 1.90 10.43 -1.62
C ASP C 403 2.92 9.52 -0.97
N VAL C 404 3.78 10.08 -0.12
CA VAL C 404 4.79 9.27 0.56
C VAL C 404 4.15 8.20 1.42
N ASN C 405 3.09 8.57 2.12
CA ASN C 405 2.38 7.62 2.97
C ASN C 405 1.88 6.45 2.12
N ASN C 406 1.39 6.71 0.90
CA ASN C 406 0.93 5.61 0.06
C ASN C 406 2.08 4.77 -0.46
N LYS C 407 3.18 5.43 -0.79
CA LYS C 407 4.34 4.72 -1.28
C LYS C 407 4.91 3.85 -0.16
N GLN C 408 4.92 4.37 1.07
CA GLN C 408 5.45 3.62 2.21
C GLN C 408 4.62 2.36 2.42
N ALA C 409 3.30 2.51 2.43
CA ALA C 409 2.42 1.37 2.60
C ALA C 409 2.70 0.30 1.55
N ALA C 410 2.95 0.70 0.32
CA ALA C 410 3.21 -0.24 -0.78
C ALA C 410 4.57 -0.88 -0.62
N PHE C 411 5.56 -0.08 -0.24
CA PHE C 411 6.88 -0.64 -0.08
C PHE C 411 6.87 -1.60 1.11
N ASP C 412 6.10 -1.27 2.15
CA ASP C 412 6.03 -2.12 3.33
C ASP C 412 5.43 -3.47 2.92
N ALA C 413 4.31 -3.45 2.20
CA ALA C 413 3.69 -4.70 1.76
C ALA C 413 4.71 -5.51 0.96
N ALA C 414 5.50 -4.84 0.13
CA ALA C 414 6.50 -5.55 -0.67
C ALA C 414 7.57 -6.17 0.19
N ALA C 415 7.96 -5.48 1.26
CA ALA C 415 8.98 -6.02 2.15
C ALA C 415 8.41 -7.27 2.82
N LYS C 416 7.16 -7.19 3.26
CA LYS C 416 6.53 -8.34 3.89
C LYS C 416 6.39 -9.52 2.94
N GLU C 417 6.20 -9.24 1.64
CA GLU C 417 6.05 -10.32 0.66
C GLU C 417 7.40 -10.96 0.39
N LYS C 418 8.44 -10.15 0.20
CA LYS C 418 9.76 -10.69 -0.05
C LYS C 418 10.26 -11.51 1.16
N SER C 419 9.90 -11.08 2.36
CA SER C 419 10.31 -11.82 3.54
C SER C 419 9.60 -13.17 3.56
N ASP C 420 8.27 -13.16 3.50
CA ASP C 420 7.52 -14.42 3.49
C ASP C 420 8.01 -15.32 2.35
N ALA C 421 8.30 -14.74 1.20
CA ALA C 421 8.74 -15.55 0.07
C ALA C 421 10.09 -16.16 0.31
N ASP C 422 10.97 -15.47 1.03
CA ASP C 422 12.29 -16.02 1.32
C ASP C 422 12.17 -17.25 2.22
N ALA C 423 11.37 -17.12 3.27
CA ALA C 423 11.18 -18.24 4.19
C ALA C 423 10.53 -19.42 3.46
N ALA C 424 9.41 -19.17 2.77
CA ALA C 424 8.72 -20.23 2.04
C ALA C 424 9.64 -20.97 1.09
N LEU C 425 10.53 -20.24 0.43
CA LEU C 425 11.46 -20.87 -0.49
C LEU C 425 12.37 -21.86 0.23
N SER C 426 13.00 -21.42 1.32
CA SER C 426 13.90 -22.29 2.04
C SER C 426 13.14 -23.42 2.70
N SER C 427 11.91 -23.11 3.11
CA SER C 427 11.04 -24.09 3.76
C SER C 427 10.74 -25.20 2.76
N ALA C 428 10.71 -24.84 1.48
CA ALA C 428 10.45 -25.82 0.44
C ALA C 428 11.75 -26.57 0.19
N MET C 429 12.86 -25.89 0.39
CA MET C 429 14.18 -26.49 0.19
C MET C 429 14.34 -27.66 1.13
N GLU C 430 13.88 -27.48 2.36
CA GLU C 430 13.96 -28.51 3.38
C GLU C 430 13.15 -29.73 2.98
N SER C 431 11.84 -29.55 2.89
CA SER C 431 10.95 -30.65 2.53
C SER C 431 11.43 -31.35 1.27
N ARG C 432 12.03 -30.60 0.35
CA ARG C 432 12.52 -31.19 -0.90
C ARG C 432 13.69 -32.11 -0.60
N LYS C 433 14.33 -31.89 0.54
CA LYS C 433 15.45 -32.71 0.97
C LYS C 433 14.89 -33.93 1.73
N LYS C 434 13.94 -33.67 2.62
CA LYS C 434 13.31 -34.75 3.40
C LYS C 434 12.69 -35.78 2.46
N LYS C 435 12.24 -35.31 1.30
CA LYS C 435 11.63 -36.16 0.30
C LYS C 435 12.70 -36.92 -0.47
N GLU C 436 13.84 -36.28 -0.68
CA GLU C 436 14.94 -36.91 -1.40
C GLU C 436 15.42 -38.13 -0.59
N ASP C 437 15.38 -38.01 0.72
CA ASP C 437 15.79 -39.10 1.60
C ASP C 437 14.76 -40.21 1.54
N LYS C 438 13.48 -39.82 1.46
CA LYS C 438 12.39 -40.79 1.40
C LYS C 438 12.48 -41.63 0.13
N LYS C 439 12.72 -40.99 -1.01
CA LYS C 439 12.82 -41.72 -2.27
C LYS C 439 14.02 -42.65 -2.21
N ARG C 440 14.89 -42.43 -1.23
CA ARG C 440 16.06 -43.29 -1.05
C ARG C 440 15.64 -44.52 -0.27
N SER C 441 15.09 -44.31 0.92
CA SER C 441 14.63 -45.41 1.76
C SER C 441 13.65 -46.28 0.98
N ALA C 442 12.80 -45.64 0.19
CA ALA C 442 11.81 -46.37 -0.59
C ALA C 442 12.47 -47.19 -1.68
N GLU C 443 13.40 -46.60 -2.41
CA GLU C 443 14.07 -47.31 -3.49
C GLU C 443 15.02 -48.37 -2.95
N ASN C 444 15.47 -48.21 -1.71
CA ASN C 444 16.36 -49.17 -1.09
C ASN C 444 15.52 -50.35 -0.62
N ASN C 445 14.59 -50.07 0.29
CA ASN C 445 13.71 -51.10 0.82
C ASN C 445 12.99 -51.85 -0.30
N LEU C 446 12.94 -51.25 -1.49
CA LEU C 446 12.29 -51.86 -2.63
C LEU C 446 13.18 -52.95 -3.22
N ASN C 447 14.46 -52.64 -3.41
CA ASN C 447 15.39 -53.61 -3.97
C ASN C 447 15.66 -54.74 -2.98
N ASP C 448 15.41 -54.51 -1.71
CA ASP C 448 15.61 -55.54 -0.70
C ASP C 448 14.57 -56.63 -0.90
N GLU C 449 13.30 -56.24 -0.80
CA GLU C 449 12.20 -57.18 -0.96
C GLU C 449 12.21 -57.75 -2.38
N LYS C 450 12.66 -56.94 -3.32
CA LYS C 450 12.72 -57.31 -4.73
C LYS C 450 13.76 -58.40 -4.99
N ASN C 451 14.62 -58.66 -4.00
CA ASN C 451 15.65 -59.69 -4.17
C ASN C 451 15.41 -60.90 -3.26
N LYS C 452 14.53 -60.77 -2.29
CA LYS C 452 14.25 -61.88 -1.38
C LYS C 452 13.63 -63.07 -2.12
N PRO C 453 13.61 -64.25 -1.47
CA PRO C 453 13.04 -65.46 -2.07
C PRO C 453 11.52 -65.42 -1.98
N ARG C 454 10.85 -65.58 -3.11
CA ARG C 454 9.39 -65.56 -3.14
C ARG C 454 8.83 -66.93 -3.54
N LYS C 455 7.83 -67.39 -2.81
CA LYS C 455 7.21 -68.67 -3.10
C LYS C 455 6.12 -68.53 -4.16
N GLY C 456 6.02 -69.54 -5.02
CA GLY C 456 5.03 -69.51 -6.09
C GLY C 456 3.66 -70.00 -5.65
N PHE C 457 2.70 -69.92 -6.57
CA PHE C 457 1.34 -70.35 -6.28
C PHE C 457 1.28 -71.81 -5.81
N LYS C 458 1.90 -72.70 -6.55
CA LYS C 458 1.92 -74.13 -6.20
C LYS C 458 2.36 -74.38 -4.76
N ASP C 459 3.34 -73.62 -4.29
CA ASP C 459 3.83 -73.78 -2.92
C ASP C 459 2.72 -73.48 -1.92
N TYR C 460 1.94 -72.44 -2.20
CA TYR C 460 0.84 -72.07 -1.33
C TYR C 460 -0.20 -73.18 -1.33
N GLY C 461 -0.18 -73.97 -2.41
CA GLY C 461 -1.11 -75.07 -2.56
C GLY C 461 -0.79 -76.25 -1.68
N HIS C 462 0.38 -76.21 -1.05
CA HIS C 462 0.76 -77.29 -0.17
C HIS C 462 0.86 -76.87 1.29
N ASP C 463 0.51 -75.61 1.58
CA ASP C 463 0.56 -75.13 2.95
C ASP C 463 -0.50 -75.80 3.82
N TYR C 464 -1.64 -76.15 3.23
CA TYR C 464 -2.74 -76.76 3.97
C TYR C 464 -3.26 -78.02 3.29
N HIS C 465 -4.02 -78.83 4.03
CA HIS C 465 -4.57 -80.07 3.48
C HIS C 465 -5.85 -79.82 2.69
N PRO C 466 -5.92 -80.35 1.45
CA PRO C 466 -7.12 -80.15 0.63
C PRO C 466 -8.30 -80.81 1.33
N ALA C 467 -9.47 -80.19 1.24
CA ALA C 467 -10.67 -80.74 1.85
C ALA C 467 -11.17 -81.90 0.99
N PRO C 468 -11.79 -82.91 1.61
CA PRO C 468 -12.32 -84.07 0.89
C PRO C 468 -13.60 -83.66 0.19
N LYS C 469 -14.00 -84.40 -0.82
CA LYS C 469 -15.25 -84.10 -1.51
C LYS C 469 -16.37 -84.74 -0.69
N THR C 470 -17.47 -84.01 -0.55
CA THR C 470 -18.62 -84.46 0.22
C THR C 470 -18.90 -85.95 0.09
N GLU C 471 -19.01 -86.42 -1.15
CA GLU C 471 -19.31 -87.82 -1.39
C GLU C 471 -18.15 -88.80 -1.16
N ASN C 472 -17.02 -88.31 -0.66
CA ASN C 472 -15.88 -89.18 -0.38
C ASN C 472 -15.61 -89.37 1.11
N ILE C 473 -16.43 -88.73 1.93
CA ILE C 473 -16.29 -88.84 3.38
C ILE C 473 -17.05 -90.08 3.83
N LYS C 474 -16.32 -91.16 4.08
CA LYS C 474 -16.89 -92.41 4.51
C LYS C 474 -17.01 -92.55 6.03
N GLY C 475 -17.99 -93.36 6.45
CA GLY C 475 -18.22 -93.62 7.86
C GLY C 475 -19.09 -92.70 8.69
N LEU C 476 -19.61 -91.63 8.13
CA LEU C 476 -20.43 -90.73 8.94
C LEU C 476 -21.86 -90.66 8.47
N GLY C 477 -22.20 -91.53 7.53
CA GLY C 477 -23.55 -91.54 6.99
C GLY C 477 -23.67 -90.48 5.90
N ASP C 478 -24.90 -90.14 5.53
CA ASP C 478 -25.12 -89.15 4.49
C ASP C 478 -24.80 -87.74 4.99
N LEU C 479 -23.89 -87.06 4.30
CA LEU C 479 -23.49 -85.71 4.67
C LEU C 479 -24.02 -84.71 3.67
N LYS C 480 -24.31 -83.50 4.14
CA LYS C 480 -24.82 -82.44 3.29
C LYS C 480 -24.13 -81.15 3.69
N PRO C 481 -23.47 -80.47 2.74
CA PRO C 481 -22.79 -79.21 3.04
C PRO C 481 -23.67 -78.23 3.80
N GLY C 482 -23.03 -77.38 4.59
CA GLY C 482 -23.75 -76.39 5.37
C GLY C 482 -23.05 -75.04 5.22
N ILE C 483 -23.78 -73.97 5.48
CA ILE C 483 -23.23 -72.62 5.37
C ILE C 483 -22.01 -72.41 6.25
N PRO C 484 -20.86 -72.07 5.64
CA PRO C 484 -19.62 -71.84 6.39
C PRO C 484 -19.86 -70.67 7.33
N LYS C 485 -19.40 -70.78 8.58
CA LYS C 485 -19.59 -69.69 9.53
C LYS C 485 -18.43 -69.53 10.51
N THR C 486 -17.71 -70.61 10.78
CA THR C 486 -16.61 -70.51 11.72
C THR C 486 -15.43 -69.80 11.08
N PRO C 487 -14.97 -68.70 11.67
CA PRO C 487 -13.84 -67.93 11.15
C PRO C 487 -12.59 -68.80 11.09
N LYS C 488 -11.83 -68.63 10.03
CA LYS C 488 -10.60 -69.38 9.88
C LYS C 488 -9.56 -68.65 10.73
N GLN C 489 -8.61 -69.41 11.28
CA GLN C 489 -7.55 -68.86 12.11
C GLN C 489 -6.75 -67.83 11.32
N ASN C 490 -6.27 -68.26 10.15
CA ASN C 490 -5.47 -67.44 9.25
C ASN C 490 -6.19 -67.26 7.90
N GLY C 491 -5.98 -66.13 7.25
CA GLY C 491 -6.64 -65.86 5.98
C GLY C 491 -8.03 -65.30 6.21
N GLY C 492 -8.81 -65.12 5.16
CA GLY C 492 -10.13 -64.58 5.35
C GLY C 492 -11.28 -65.54 5.19
N GLY C 493 -10.99 -66.82 5.09
CA GLY C 493 -12.07 -67.77 4.89
C GLY C 493 -12.84 -68.21 6.12
N LYS C 494 -13.81 -69.09 5.90
CA LYS C 494 -14.61 -69.66 6.96
C LYS C 494 -14.50 -71.15 6.75
N ARG C 495 -14.42 -71.89 7.86
CA ARG C 495 -14.29 -73.35 7.81
C ARG C 495 -15.38 -74.05 7.01
N LYS C 496 -14.96 -74.99 6.17
CA LYS C 496 -15.88 -75.79 5.35
C LYS C 496 -16.73 -76.65 6.28
N ARG C 497 -18.04 -76.44 6.25
CA ARG C 497 -18.95 -77.15 7.14
C ARG C 497 -19.81 -78.21 6.47
N TRP C 498 -20.27 -79.16 7.27
CA TRP C 498 -21.11 -80.25 6.78
C TRP C 498 -22.15 -80.65 7.82
N THR C 499 -23.18 -81.32 7.34
CA THR C 499 -24.26 -81.76 8.21
C THR C 499 -24.44 -83.26 8.09
N GLY C 500 -24.71 -83.89 9.23
CA GLY C 500 -24.91 -85.32 9.27
C GLY C 500 -25.90 -85.65 10.38
N ASP C 501 -26.31 -86.91 10.44
CA ASP C 501 -27.25 -87.38 11.45
C ASP C 501 -28.49 -86.49 11.42
N LYS C 502 -29.14 -86.45 10.26
CA LYS C 502 -30.34 -85.66 10.08
C LYS C 502 -30.17 -84.25 10.64
N GLY C 503 -29.02 -83.64 10.37
CA GLY C 503 -28.76 -82.29 10.83
C GLY C 503 -28.49 -82.08 12.31
N ARG C 504 -28.15 -83.16 13.01
CA ARG C 504 -27.88 -83.07 14.44
C ARG C 504 -26.40 -82.92 14.74
N LYS C 505 -25.56 -83.43 13.86
CA LYS C 505 -24.12 -83.34 14.01
C LYS C 505 -23.52 -82.45 12.90
N ILE C 506 -22.47 -81.70 13.26
CA ILE C 506 -21.78 -80.81 12.33
C ILE C 506 -20.32 -81.24 12.21
N TYR C 507 -19.78 -81.21 11.00
CA TYR C 507 -18.38 -81.59 10.80
C TYR C 507 -17.66 -80.48 10.04
N GLU C 508 -16.57 -79.96 10.59
CA GLU C 508 -15.84 -78.92 9.91
C GLU C 508 -14.45 -79.44 9.54
N TRP C 509 -13.94 -79.01 8.41
CA TRP C 509 -12.63 -79.48 7.98
C TRP C 509 -11.51 -78.69 8.62
N ASP C 510 -10.50 -79.41 9.12
CA ASP C 510 -9.34 -78.80 9.74
C ASP C 510 -8.20 -78.99 8.75
N SER C 511 -7.98 -77.99 7.89
CA SER C 511 -6.96 -78.11 6.85
C SER C 511 -5.54 -78.09 7.38
N GLN C 512 -5.40 -77.79 8.67
CA GLN C 512 -4.08 -77.75 9.25
C GLN C 512 -3.59 -79.17 9.63
N HIS C 513 -4.52 -80.04 10.04
CA HIS C 513 -4.17 -81.39 10.44
C HIS C 513 -4.74 -82.46 9.52
N GLY C 514 -5.52 -82.02 8.55
CA GLY C 514 -6.11 -82.95 7.61
C GLY C 514 -7.12 -83.91 8.22
N GLU C 515 -8.08 -83.37 8.96
CA GLU C 515 -9.11 -84.22 9.58
C GLU C 515 -10.38 -83.40 9.83
N LEU C 516 -11.48 -84.10 10.13
CA LEU C 516 -12.75 -83.44 10.40
C LEU C 516 -12.95 -83.27 11.90
N GLU C 517 -13.71 -82.24 12.29
CA GLU C 517 -14.01 -81.99 13.70
C GLU C 517 -15.53 -82.01 13.82
N GLY C 518 -16.05 -82.85 14.71
CA GLY C 518 -17.49 -82.95 14.87
C GLY C 518 -18.00 -82.10 16.01
N TYR C 519 -19.22 -81.62 15.88
CA TYR C 519 -19.83 -80.78 16.90
C TYR C 519 -21.31 -81.08 16.94
N ARG C 520 -21.90 -80.88 18.10
CA ARG C 520 -23.32 -81.11 18.29
C ARG C 520 -24.05 -79.89 17.75
N ALA C 521 -25.05 -80.12 16.91
CA ALA C 521 -25.79 -79.01 16.32
C ALA C 521 -26.44 -78.07 17.32
N SER C 522 -27.14 -78.64 18.30
CA SER C 522 -27.83 -77.82 19.30
C SER C 522 -26.93 -77.09 20.28
N ASP C 523 -25.87 -77.75 20.68
CA ASP C 523 -24.96 -77.22 21.67
C ASP C 523 -23.75 -76.52 21.06
N GLY C 524 -23.24 -77.10 19.98
CA GLY C 524 -22.07 -76.56 19.32
C GLY C 524 -20.84 -77.21 19.93
N GLN C 525 -21.06 -77.99 20.98
CA GLN C 525 -20.00 -78.67 21.73
C GLN C 525 -19.25 -79.70 20.88
N HIS C 526 -17.92 -79.70 21.01
CA HIS C 526 -17.05 -80.61 20.28
C HIS C 526 -17.38 -82.07 20.61
N LEU C 527 -17.26 -82.95 19.61
CA LEU C 527 -17.53 -84.37 19.78
C LEU C 527 -16.26 -85.19 19.51
N GLY C 528 -15.30 -84.58 18.83
CA GLY C 528 -14.05 -85.27 18.52
C GLY C 528 -13.58 -85.09 17.09
N SER C 529 -12.47 -85.74 16.75
CA SER C 529 -11.88 -85.71 15.42
C SER C 529 -12.20 -87.03 14.69
N PHE C 530 -12.43 -86.95 13.39
CA PHE C 530 -12.75 -88.12 12.59
C PHE C 530 -12.00 -88.13 11.28
N ASP C 531 -11.64 -89.34 10.85
CA ASP C 531 -10.91 -89.58 9.62
C ASP C 531 -11.91 -89.63 8.47
N PRO C 532 -11.75 -88.77 7.46
CA PRO C 532 -12.65 -88.72 6.31
C PRO C 532 -12.68 -90.04 5.56
N LYS C 533 -11.52 -90.66 5.43
CA LYS C 533 -11.40 -91.92 4.71
C LYS C 533 -12.09 -93.11 5.37
N THR C 534 -12.17 -93.12 6.70
CA THR C 534 -12.77 -94.26 7.42
C THR C 534 -13.96 -93.93 8.32
N GLY C 535 -13.94 -92.74 8.90
CA GLY C 535 -15.01 -92.33 9.79
C GLY C 535 -14.61 -92.64 11.22
N ASN C 536 -13.41 -93.22 11.37
CA ASN C 536 -12.93 -93.56 12.70
C ASN C 536 -12.68 -92.33 13.56
N GLN C 537 -12.96 -92.47 14.83
CA GLN C 537 -12.74 -91.38 15.75
C GLN C 537 -11.25 -91.32 15.98
N LEU C 538 -10.61 -90.19 15.73
CA LEU C 538 -9.17 -90.14 15.95
C LEU C 538 -8.88 -89.63 17.36
N LYS C 539 -9.78 -88.81 17.89
CA LYS C 539 -9.64 -88.25 19.21
C LYS C 539 -11.04 -88.07 19.73
N GLY C 540 -11.18 -88.12 21.05
CA GLY C 540 -12.48 -87.95 21.67
C GLY C 540 -12.89 -86.49 21.87
N PRO C 541 -14.04 -86.25 22.49
CA PRO C 541 -14.62 -84.94 22.78
C PRO C 541 -13.77 -84.04 23.67
N ASP C 542 -13.63 -82.77 23.29
CA ASP C 542 -12.89 -81.80 24.11
C ASP C 542 -13.96 -80.83 24.61
N PRO C 543 -14.23 -80.84 25.92
CA PRO C 543 -15.24 -79.97 26.56
C PRO C 543 -14.98 -78.47 26.32
N LYS C 544 -13.70 -78.14 26.17
CA LYS C 544 -13.25 -76.75 25.96
C LYS C 544 -13.58 -76.20 24.58
N ARG C 545 -13.76 -77.08 23.60
CA ARG C 545 -14.06 -76.63 22.25
C ARG C 545 -15.55 -76.62 21.98
N ASN C 546 -15.98 -75.62 21.20
CA ASN C 546 -17.38 -75.49 20.80
C ASN C 546 -17.51 -74.37 19.76
N ILE C 547 -18.57 -74.41 18.98
CA ILE C 547 -18.80 -73.40 17.96
C ILE C 547 -20.19 -72.82 18.11
N LYS C 548 -20.71 -72.85 19.32
CA LYS C 548 -22.04 -72.31 19.56
C LYS C 548 -22.19 -70.90 19.03
N LYS C 549 -21.14 -70.10 19.16
CA LYS C 549 -21.15 -68.70 18.71
C LYS C 549 -21.38 -68.59 17.19
N TYR C 550 -21.31 -69.72 16.50
CA TYR C 550 -21.48 -69.80 15.05
C TYR C 550 -22.45 -70.91 14.69
N LEU C 551 -23.47 -71.10 15.53
CA LEU C 551 -24.52 -72.11 15.40
C LEU C 551 -24.26 -73.41 16.18
N GLY D 1 -4.42 -79.40 -10.10
CA GLY D 1 -4.09 -77.98 -9.82
C GLY D 1 -5.21 -77.29 -9.07
N LEU D 2 -5.37 -75.99 -9.31
CA LEU D 2 -6.41 -75.22 -8.64
C LEU D 2 -7.82 -75.38 -9.18
N LYS D 3 -8.79 -75.47 -8.27
CA LYS D 3 -10.17 -75.56 -8.65
C LYS D 3 -11.02 -74.74 -7.71
N LEU D 4 -11.92 -73.94 -8.28
CA LEU D 4 -12.84 -73.12 -7.50
C LEU D 4 -13.99 -74.03 -7.14
N ASP D 5 -14.22 -74.17 -5.84
CA ASP D 5 -15.30 -75.02 -5.33
C ASP D 5 -16.46 -74.15 -4.90
N LEU D 6 -17.44 -74.01 -5.77
CA LEU D 6 -18.62 -73.19 -5.51
C LEU D 6 -19.77 -73.94 -4.87
N THR D 7 -20.32 -73.36 -3.82
CA THR D 7 -21.44 -73.98 -3.13
C THR D 7 -22.48 -72.91 -2.86
N TRP D 8 -23.76 -73.29 -2.84
CA TRP D 8 -24.82 -72.31 -2.58
C TRP D 8 -25.97 -72.85 -1.77
N PHE D 9 -26.59 -71.97 -1.00
CA PHE D 9 -27.68 -72.36 -0.13
C PHE D 9 -28.87 -71.41 -0.27
N ASP D 10 -30.06 -71.90 0.07
CA ASP D 10 -31.25 -71.09 -0.02
C ASP D 10 -31.16 -69.97 1.03
N LYS D 11 -31.36 -68.74 0.57
CA LYS D 11 -31.26 -67.57 1.43
C LYS D 11 -32.21 -67.56 2.63
N SER D 12 -33.31 -68.29 2.54
CA SER D 12 -34.28 -68.33 3.63
C SER D 12 -34.18 -69.60 4.48
N THR D 13 -34.13 -70.77 3.84
CA THR D 13 -34.06 -72.02 4.59
C THR D 13 -32.63 -72.39 5.00
N GLU D 14 -31.66 -71.80 4.33
CA GLU D 14 -30.24 -72.07 4.56
C GLU D 14 -29.89 -73.50 4.17
N ASP D 15 -30.82 -74.18 3.51
CA ASP D 15 -30.58 -75.56 3.07
C ASP D 15 -29.66 -75.61 1.86
N PHE D 16 -28.86 -76.66 1.79
CA PHE D 16 -27.94 -76.85 0.68
C PHE D 16 -28.76 -76.96 -0.60
N LYS D 17 -28.31 -76.29 -1.66
CA LYS D 17 -29.01 -76.34 -2.93
C LYS D 17 -28.12 -76.85 -4.06
N GLY D 18 -26.80 -76.79 -3.88
CA GLY D 18 -25.92 -77.28 -4.93
C GLY D 18 -24.45 -76.94 -4.77
N GLU D 19 -23.62 -77.55 -5.60
CA GLU D 19 -22.18 -77.34 -5.59
C GLU D 19 -21.64 -77.63 -6.99
N GLU D 20 -20.58 -76.92 -7.39
CA GLU D 20 -19.98 -77.14 -8.68
C GLU D 20 -18.49 -76.83 -8.61
N TYR D 21 -17.70 -77.65 -9.29
CA TYR D 21 -16.27 -77.45 -9.35
C TYR D 21 -15.94 -76.88 -10.73
N SER D 22 -15.21 -75.77 -10.76
CA SER D 22 -14.80 -75.18 -12.03
C SER D 22 -13.75 -76.11 -12.57
N LYS D 23 -13.28 -75.82 -13.77
CA LYS D 23 -12.23 -76.62 -14.40
C LYS D 23 -10.98 -76.48 -13.54
N ASP D 24 -9.95 -77.25 -13.85
CA ASP D 24 -8.69 -77.20 -13.11
C ASP D 24 -7.84 -76.11 -13.77
N PHE D 25 -7.38 -75.14 -12.98
CA PHE D 25 -6.55 -74.03 -13.49
C PHE D 25 -5.07 -74.33 -13.47
N GLY D 26 -4.70 -75.52 -13.02
CA GLY D 26 -3.28 -75.85 -12.95
C GLY D 26 -2.63 -74.97 -11.90
N ASP D 27 -1.51 -74.35 -12.24
CA ASP D 27 -0.82 -73.47 -11.30
C ASP D 27 -1.12 -72.00 -11.56
N ASP D 28 -2.18 -71.74 -12.32
CA ASP D 28 -2.58 -70.37 -12.62
C ASP D 28 -3.63 -69.92 -11.63
N GLY D 29 -3.21 -69.18 -10.60
CA GLY D 29 -4.14 -68.70 -9.61
C GLY D 29 -4.54 -67.26 -9.84
N SER D 30 -4.32 -66.74 -11.05
CA SER D 30 -4.63 -65.35 -11.35
C SER D 30 -6.06 -64.98 -10.99
N VAL D 31 -6.96 -65.95 -11.08
CA VAL D 31 -8.36 -65.76 -10.74
C VAL D 31 -8.50 -65.22 -9.34
N MET D 32 -7.63 -65.65 -8.43
CA MET D 32 -7.72 -65.16 -7.06
C MET D 32 -7.28 -63.69 -7.03
N GLU D 33 -6.32 -63.34 -7.88
CA GLU D 33 -5.83 -61.96 -7.97
C GLU D 33 -6.93 -61.03 -8.46
N SER D 34 -7.79 -61.53 -9.35
CA SER D 34 -8.90 -60.73 -9.87
C SER D 34 -9.90 -60.48 -8.78
N LEU D 35 -10.01 -61.41 -7.83
CA LEU D 35 -10.95 -61.24 -6.73
C LEU D 35 -10.27 -60.49 -5.59
N GLY D 36 -8.96 -60.24 -5.74
CA GLY D 36 -8.25 -59.54 -4.69
C GLY D 36 -8.06 -60.40 -3.45
N VAL D 37 -7.92 -61.71 -3.65
CA VAL D 37 -7.72 -62.65 -2.56
C VAL D 37 -6.29 -63.15 -2.57
N PRO D 38 -5.49 -62.74 -1.57
CA PRO D 38 -4.09 -63.14 -1.41
C PRO D 38 -4.01 -64.66 -1.35
N PHE D 39 -2.99 -65.24 -1.95
CA PHE D 39 -2.78 -66.68 -1.92
C PHE D 39 -2.50 -67.14 -0.49
N LYS D 40 -1.74 -66.32 0.23
CA LYS D 40 -1.35 -66.60 1.61
C LYS D 40 -2.48 -67.04 2.52
N ASP D 41 -2.37 -68.24 3.06
CA ASP D 41 -3.35 -68.80 3.99
C ASP D 41 -4.77 -68.86 3.47
N ASN D 42 -4.93 -68.89 2.15
CA ASN D 42 -6.26 -68.96 1.59
C ASN D 42 -6.44 -70.15 0.65
N VAL D 43 -5.36 -70.75 0.17
CA VAL D 43 -5.50 -71.91 -0.70
C VAL D 43 -5.70 -73.10 0.22
N ASN D 44 -6.72 -73.91 -0.07
CA ASN D 44 -7.03 -75.07 0.78
C ASN D 44 -7.24 -74.57 2.20
N ASN D 45 -7.74 -73.35 2.34
CA ASN D 45 -7.96 -72.82 3.68
C ASN D 45 -9.14 -71.88 3.83
N GLY D 46 -10.35 -72.41 3.70
CA GLY D 46 -11.50 -71.57 3.91
C GLY D 46 -12.40 -71.26 2.73
N CYS D 47 -13.65 -70.95 3.09
CA CYS D 47 -14.70 -70.61 2.14
C CYS D 47 -14.97 -69.13 2.24
N PHE D 48 -15.13 -68.51 1.09
CA PHE D 48 -15.40 -67.07 1.06
C PHE D 48 -16.78 -66.73 0.54
N ASP D 49 -17.43 -65.81 1.25
CA ASP D 49 -18.74 -65.34 0.83
C ASP D 49 -18.57 -64.77 -0.57
N VAL D 50 -19.50 -65.09 -1.46
CA VAL D 50 -19.40 -64.56 -2.82
C VAL D 50 -20.16 -63.24 -2.85
N ILE D 51 -19.41 -62.13 -2.76
CA ILE D 51 -20.06 -60.83 -2.80
C ILE D 51 -20.50 -60.52 -4.22
N ALA D 52 -21.50 -59.66 -4.33
CA ALA D 52 -22.07 -59.26 -5.62
C ALA D 52 -21.05 -58.86 -6.66
N GLU D 53 -20.11 -58.00 -6.30
CA GLU D 53 -19.14 -57.55 -7.29
C GLU D 53 -18.30 -58.67 -7.88
N TRP D 54 -18.34 -59.83 -7.24
CA TRP D 54 -17.58 -60.99 -7.72
C TRP D 54 -18.30 -61.84 -8.77
N VAL D 55 -19.64 -61.85 -8.75
CA VAL D 55 -20.41 -62.67 -9.70
C VAL D 55 -19.99 -62.52 -11.15
N PRO D 56 -19.86 -61.27 -11.65
CA PRO D 56 -19.47 -61.09 -13.05
C PRO D 56 -18.07 -61.68 -13.30
N LEU D 57 -17.26 -61.72 -12.25
CA LEU D 57 -15.88 -62.24 -12.31
C LEU D 57 -15.77 -63.77 -12.19
N LEU D 58 -16.75 -64.41 -11.54
CA LEU D 58 -16.73 -65.86 -11.34
C LEU D 58 -17.61 -66.64 -12.31
N GLN D 59 -18.78 -66.08 -12.63
CA GLN D 59 -19.73 -66.72 -13.53
C GLN D 59 -19.12 -67.32 -14.78
N PRO D 60 -18.06 -66.71 -15.33
CA PRO D 60 -17.48 -67.30 -16.53
C PRO D 60 -16.92 -68.70 -16.32
N TYR D 61 -16.80 -69.15 -15.07
CA TYR D 61 -16.21 -70.47 -14.85
C TYR D 61 -17.17 -71.58 -14.40
N PHE D 62 -18.45 -71.25 -14.29
CA PHE D 62 -19.46 -72.19 -13.83
C PHE D 62 -20.68 -72.33 -14.74
N ASN D 63 -21.16 -73.57 -14.90
CA ASN D 63 -22.34 -73.83 -15.72
C ASN D 63 -23.58 -73.40 -14.96
N HIS D 64 -23.48 -73.36 -13.64
CA HIS D 64 -24.62 -72.92 -12.83
C HIS D 64 -24.69 -71.40 -12.95
N GLN D 65 -25.91 -70.87 -13.02
CA GLN D 65 -26.11 -69.43 -13.14
C GLN D 65 -26.36 -68.82 -11.77
N ILE D 66 -25.29 -68.28 -11.20
CA ILE D 66 -25.35 -67.66 -9.88
C ILE D 66 -26.51 -66.70 -9.70
N ASP D 67 -27.34 -66.99 -8.70
CA ASP D 67 -28.51 -66.19 -8.38
C ASP D 67 -28.46 -65.74 -6.93
N ILE D 68 -27.75 -64.65 -6.67
CA ILE D 68 -27.63 -64.15 -5.32
C ILE D 68 -28.89 -63.51 -4.79
N SER D 69 -29.95 -63.50 -5.59
CA SER D 69 -31.21 -62.92 -5.14
C SER D 69 -31.98 -63.90 -4.27
N ASP D 70 -31.81 -65.18 -4.56
CA ASP D 70 -32.51 -66.21 -3.81
C ASP D 70 -31.56 -67.10 -3.01
N ASN D 71 -30.29 -67.12 -3.39
CA ASN D 71 -29.33 -67.97 -2.69
C ASN D 71 -28.11 -67.23 -2.14
N GLU D 72 -27.37 -67.92 -1.28
CA GLU D 72 -26.15 -67.38 -0.70
C GLU D 72 -25.08 -68.30 -1.29
N TYR D 73 -23.98 -67.71 -1.75
CA TYR D 73 -22.90 -68.46 -2.37
C TYR D 73 -21.57 -68.39 -1.61
N PHE D 74 -20.76 -69.42 -1.76
CA PHE D 74 -19.45 -69.47 -1.10
C PHE D 74 -18.51 -70.16 -2.06
N VAL D 75 -17.25 -69.76 -2.04
CA VAL D 75 -16.27 -70.38 -2.93
C VAL D 75 -14.96 -70.60 -2.16
N SER D 76 -14.31 -71.73 -2.40
CA SER D 76 -13.04 -72.00 -1.74
C SER D 76 -12.11 -72.27 -2.88
N PHE D 77 -10.82 -72.06 -2.66
CA PHE D 77 -9.83 -72.27 -3.70
C PHE D 77 -9.05 -73.51 -3.34
N ASP D 78 -9.50 -74.63 -3.90
CA ASP D 78 -8.92 -75.94 -3.63
C ASP D 78 -7.78 -76.29 -4.56
N TYR D 79 -6.70 -76.85 -4.00
CA TYR D 79 -5.58 -77.23 -4.83
C TYR D 79 -5.05 -78.63 -4.54
N ARG D 80 -4.94 -79.45 -5.59
CA ARG D 80 -4.42 -80.81 -5.52
C ARG D 80 -3.55 -81.04 -6.74
N ASP D 81 -2.41 -81.66 -6.53
CA ASP D 81 -1.48 -81.95 -7.63
C ASP D 81 -2.17 -82.77 -8.73
N GLY D 82 -1.91 -82.42 -9.98
CA GLY D 82 -2.49 -83.15 -11.10
C GLY D 82 -4.01 -83.06 -11.17
N ASP D 83 -4.63 -83.98 -11.90
CA ASP D 83 -6.09 -83.99 -12.03
C ASP D 83 -6.78 -84.64 -10.84
N TRP D 84 -8.04 -84.29 -10.63
CA TRP D 84 -8.83 -84.83 -9.54
C TRP D 84 -10.27 -84.43 -9.70
C1 CIT E . 16.86 62.62 36.88
O1 CIT E . 16.32 61.90 36.00
O2 CIT E . 18.08 62.43 37.21
C2 CIT E . 16.08 63.75 37.57
C3 CIT E . 14.56 64.00 37.16
O7 CIT E . 14.35 64.23 35.77
C4 CIT E . 13.99 65.21 38.01
C5 CIT E . 14.78 66.49 37.68
O3 CIT E . 14.58 67.09 36.59
O4 CIT E . 15.63 66.96 38.49
C6 CIT E . 13.71 62.79 37.55
O5 CIT E . 12.48 62.85 37.29
O6 CIT E . 13.92 62.46 38.76
C1 CIT F . -12.69 -73.41 20.89
O1 CIT F . -13.93 -73.25 20.89
O2 CIT F . -12.07 -73.54 22.00
C2 CIT F . -11.88 -73.46 19.60
C3 CIT F . -12.64 -73.29 18.20
O7 CIT F . -13.70 -74.22 17.99
C4 CIT F . -11.58 -73.38 17.04
C5 CIT F . -10.94 -74.78 17.05
O3 CIT F . -9.73 -74.92 17.42
O4 CIT F . -11.60 -75.80 16.69
C6 CIT F . -13.23 -71.88 18.10
O5 CIT F . -13.85 -71.61 17.05
O6 CIT F . -12.37 -71.00 18.36
#